data_2OJZ
#
_entry.id   2OJZ
#
_cell.length_a   87.899
_cell.length_b   194.045
_cell.length_c   61.174
_cell.angle_alpha   90.00
_cell.angle_beta   90.00
_cell.angle_gamma   90.00
#
_symmetry.space_group_name_H-M   'P 21 21 2'
#
loop_
_entity.id
_entity.type
_entity.pdbx_description
1 polymer 'Fab ED10 light chain'
2 polymer 'Fab ED10 heavy chain'
3 water water
#
loop_
_entity_poly.entity_id
_entity_poly.type
_entity_poly.pdbx_seq_one_letter_code
_entity_poly.pdbx_strand_id
1 'polypeptide(L)'
;DILMTQTPLSLPVSLGDQASISCRSSQSIVHSNGNTYLEWYLQKPGQSPTLLIYKVSNRFSGVPDRFSGSGSGTDFTLKI
SRVEAEDLGVYYCFQGSHIPLTFGAGTKLEVKRSDAAPTVSIFPPSSEQLTSGGASVVCFLNNFYPKDINVKWKIDGSER
QNGVLNSWTDQDSKDSTYSMSSTLTLTKDEYERHNSYTCEATHKTSTSPIVKSFNRNEC
;
L,M
2 'polypeptide(L)'
;EVQLEESGPELVKPGASVKISCKASGYTFTDYYMNWLRQKPGQGLEWIGWVYPGSIKYNEKFKDKATLTADTSSSIVYMH
LSSLTSDDNAVYFCTRWTYGSSFDYWGEGTLLTVSSAKTTPPSVYPLAPGSAAQTNSMVTLGCLVKGYFPEPVTVTWNSG
SLSSGVHTFPAVLQSDLYTLSSSVTVPSSTWPSETVTCNVAHPASSTKVDKKIVPR
;
H,I
#
# COMPACT_ATOMS: atom_id res chain seq x y z
N ASP A 1 -17.43 25.20 -6.05
CA ASP A 1 -18.18 24.16 -5.28
C ASP A 1 -18.04 24.49 -3.83
N ILE A 2 -19.16 24.65 -3.14
CA ILE A 2 -19.06 24.82 -1.70
C ILE A 2 -18.67 23.48 -1.06
N LEU A 3 -17.56 23.48 -0.33
CA LEU A 3 -17.21 22.33 0.46
C LEU A 3 -17.87 22.44 1.82
N MET A 4 -18.34 21.31 2.32
CA MET A 4 -19.01 21.18 3.60
C MET A 4 -18.11 20.30 4.50
N THR A 5 -17.57 20.86 5.57
CA THR A 5 -16.69 20.10 6.43
C THR A 5 -17.41 19.85 7.71
N GLN A 6 -17.65 18.58 7.98
CA GLN A 6 -18.24 18.15 9.24
C GLN A 6 -17.11 17.71 10.17
N THR A 7 -17.25 18.03 11.47
CA THR A 7 -16.32 17.53 12.51
C THR A 7 -17.12 17.31 13.82
N PRO A 8 -16.89 16.16 14.48
CA PRO A 8 -15.93 15.12 14.12
C PRO A 8 -16.48 14.15 13.06
N LEU A 9 -15.61 13.39 12.42
CA LEU A 9 -16.04 12.37 11.46
C LEU A 9 -16.60 11.12 12.20
N SER A 10 -16.22 10.95 13.45
CA SER A 10 -16.79 9.90 14.30
C SER A 10 -17.04 10.45 15.70
N LEU A 11 -18.04 9.93 16.38
CA LEU A 11 -18.43 10.43 17.69
C LEU A 11 -19.04 9.34 18.56
N PRO A 12 -18.24 8.77 19.46
CA PRO A 12 -18.77 7.83 20.43
C PRO A 12 -19.62 8.51 21.48
N VAL A 13 -20.76 7.93 21.81
CA VAL A 13 -21.61 8.50 22.88
C VAL A 13 -22.38 7.43 23.66
N SER A 14 -22.74 7.75 24.90
CA SER A 14 -23.52 6.79 25.70
C SER A 14 -24.94 7.17 25.57
N LEU A 15 -25.81 6.18 25.53
CA LEU A 15 -27.23 6.44 25.45
C LEU A 15 -27.60 7.52 26.50
N GLY A 16 -28.34 8.51 26.08
CA GLY A 16 -28.91 9.49 27.03
C GLY A 16 -28.03 10.70 27.32
N ASP A 17 -26.76 10.66 26.91
CA ASP A 17 -26.03 11.89 26.94
C ASP A 17 -26.22 12.69 25.59
N GLN A 18 -25.41 13.71 25.34
CA GLN A 18 -25.84 14.75 24.43
C GLN A 18 -24.77 15.09 23.41
N ALA A 19 -25.11 15.11 22.12
CA ALA A 19 -24.08 15.11 21.09
C ALA A 19 -24.14 16.41 20.32
N SER A 20 -23.02 16.78 19.70
CA SER A 20 -22.96 17.94 18.83
C SER A 20 -22.11 17.71 17.62
N ILE A 21 -22.70 17.93 16.46
CA ILE A 21 -21.97 17.87 15.22
C ILE A 21 -21.85 19.27 14.65
N SER A 22 -20.63 19.64 14.31
CA SER A 22 -20.38 20.89 13.66
C SER A 22 -20.32 20.63 12.17
N CYS A 23 -20.70 21.64 11.40
CA CYS A 23 -20.65 21.54 9.95
C CYS A 23 -20.40 22.94 9.47
N ARG A 24 -19.39 23.05 8.61
CA ARG A 24 -18.83 24.32 8.19
C ARG A 24 -18.68 24.44 6.65
N SER A 25 -19.20 25.53 6.07
CA SER A 25 -19.19 25.67 4.61
C SER A 25 -17.98 26.47 4.17
N SER A 26 -17.41 26.11 3.01
CA SER A 26 -16.27 26.83 2.44
C SER A 26 -16.60 28.19 1.84
N GLN A 27 -17.78 28.73 2.10
CA GLN A 27 -18.18 30.01 1.52
C GLN A 27 -19.61 30.22 2.00
N SER A 28 -20.11 31.45 1.89
CA SER A 28 -21.44 31.76 2.40
C SER A 28 -22.49 30.93 1.65
N ILE A 29 -23.46 30.38 2.40
CA ILE A 29 -24.57 29.66 1.77
C ILE A 29 -25.94 30.38 1.92
N VAL A 30 -25.91 31.72 1.93
CA VAL A 30 -27.11 32.48 1.83
C VAL A 30 -27.38 32.41 0.32
N HIS A 31 -28.59 32.02 -0.03
CA HIS A 31 -29.07 32.06 -1.41
C HIS A 31 -29.39 33.53 -1.71
N SER A 32 -29.49 33.89 -2.98
CA SER A 32 -29.86 35.25 -3.40
C SER A 32 -31.25 35.68 -2.89
N ASN A 33 -32.19 34.72 -2.86
CA ASN A 33 -33.45 35.00 -2.21
C ASN A 33 -33.39 35.25 -0.72
N GLY A 34 -32.21 35.23 -0.11
CA GLY A 34 -32.07 35.58 1.30
C GLY A 34 -32.06 34.39 2.24
N ASN A 35 -32.81 33.34 1.91
CA ASN A 35 -32.87 32.11 2.73
C ASN A 35 -31.55 31.30 2.75
N THR A 36 -31.29 30.64 3.87
CA THR A 36 -30.13 29.75 3.98
C THR A 36 -30.61 28.31 3.90
N TYR A 37 -30.27 27.62 2.80
CA TYR A 37 -30.69 26.23 2.60
C TYR A 37 -29.60 25.26 3.14
N LEU A 38 -29.57 25.16 4.47
CA LEU A 38 -28.76 24.18 5.13
C LEU A 38 -29.68 23.13 5.73
N GLU A 39 -29.30 21.87 5.56
CA GLU A 39 -30.11 20.77 5.97
C GLU A 39 -29.27 19.68 6.66
N TRP A 40 -29.93 18.80 7.42
CA TRP A 40 -29.29 17.69 8.08
C TRP A 40 -30.09 16.46 7.80
N TYR A 41 -29.37 15.38 7.46
CA TYR A 41 -29.93 14.08 7.14
C TYR A 41 -29.33 13.03 8.07
N LEU A 42 -30.11 12.00 8.37
CA LEU A 42 -29.64 10.82 9.09
C LEU A 42 -29.77 9.59 8.19
N GLN A 43 -28.70 8.83 8.00
CA GLN A 43 -28.80 7.57 7.26
C GLN A 43 -28.43 6.44 8.21
N LYS A 44 -29.35 5.51 8.43
CA LYS A 44 -29.06 4.23 9.09
C LYS A 44 -28.56 3.26 8.00
N PRO A 45 -27.78 2.25 8.38
CA PRO A 45 -27.17 1.34 7.41
C PRO A 45 -28.19 0.65 6.49
N GLY A 46 -27.83 0.62 5.19
CA GLY A 46 -28.66 0.05 4.15
C GLY A 46 -30.05 0.67 4.14
N GLN A 47 -30.08 2.01 4.17
CA GLN A 47 -31.35 2.75 4.11
C GLN A 47 -31.15 4.09 3.43
N SER A 48 -32.24 4.69 3.01
CA SER A 48 -32.17 6.01 2.43
C SER A 48 -31.94 6.97 3.56
N PRO A 49 -31.25 8.09 3.28
CA PRO A 49 -31.21 9.15 4.22
C PRO A 49 -32.60 9.66 4.51
N THR A 50 -32.68 10.41 5.56
CA THR A 50 -33.94 10.84 6.07
C THR A 50 -33.78 12.24 6.64
N LEU A 51 -34.65 13.14 6.20
CA LEU A 51 -34.51 14.57 6.46
C LEU A 51 -34.81 14.85 7.90
N LEU A 52 -33.97 15.64 8.57
CA LEU A 52 -34.22 15.99 9.95
C LEU A 52 -34.52 17.48 10.12
N ILE A 53 -33.61 18.30 9.65
CA ILE A 53 -33.72 19.73 9.81
C ILE A 53 -33.53 20.39 8.47
N TYR A 54 -34.30 21.44 8.21
CA TYR A 54 -34.10 22.26 7.02
C TYR A 54 -34.09 23.73 7.40
N LYS A 55 -33.69 24.55 6.43
CA LYS A 55 -33.48 26.00 6.65
C LYS A 55 -32.85 26.28 7.99
N VAL A 56 -31.77 25.54 8.27
CA VAL A 56 -30.90 25.72 9.45
C VAL A 56 -31.45 25.11 10.72
N SER A 57 -32.71 25.40 11.03
CA SER A 57 -33.19 25.13 12.38
C SER A 57 -34.62 24.65 12.49
N ASN A 58 -35.27 24.42 11.36
CA ASN A 58 -36.61 23.87 11.32
C ASN A 58 -36.65 22.36 11.33
N ARG A 59 -37.35 21.76 12.30
CA ARG A 59 -37.49 20.32 12.37
C ARG A 59 -38.50 19.91 11.35
N PHE A 60 -38.23 18.80 10.69
CA PHE A 60 -39.14 18.22 9.74
C PHE A 60 -40.18 17.42 10.55
N SER A 61 -41.40 17.40 10.07
CA SER A 61 -42.46 16.71 10.78
C SER A 61 -42.06 15.28 11.10
N GLY A 62 -42.44 14.83 12.32
CA GLY A 62 -42.12 13.50 12.82
C GLY A 62 -40.82 13.49 13.61
N VAL A 63 -39.97 14.50 13.41
CA VAL A 63 -38.67 14.50 14.03
C VAL A 63 -38.81 14.96 15.48
N PRO A 64 -38.41 14.11 16.44
CA PRO A 64 -38.41 14.48 17.86
C PRO A 64 -37.83 15.84 18.11
N ASP A 65 -38.22 16.44 19.23
CA ASP A 65 -37.67 17.75 19.63
C ASP A 65 -36.26 17.70 20.26
N ARG A 66 -35.74 16.49 20.53
CA ARG A 66 -34.37 16.38 21.07
C ARG A 66 -33.36 16.87 20.00
N PHE A 67 -33.69 16.71 18.73
CA PHE A 67 -32.86 17.32 17.70
C PHE A 67 -33.08 18.82 17.58
N SER A 68 -32.02 19.58 17.34
CA SER A 68 -32.13 21.00 17.10
C SER A 68 -30.92 21.53 16.31
N GLY A 69 -31.14 22.46 15.38
CA GLY A 69 -30.05 22.98 14.55
C GLY A 69 -29.87 24.47 14.70
N SER A 70 -28.68 24.96 14.41
CA SER A 70 -28.37 26.37 14.58
C SER A 70 -27.10 26.84 13.80
N GLY A 71 -26.92 28.14 13.65
CA GLY A 71 -25.72 28.66 13.03
C GLY A 71 -26.06 29.80 12.12
N SER A 72 -25.06 30.33 11.45
CA SER A 72 -25.26 31.33 10.38
C SER A 72 -23.93 31.50 9.67
N GLY A 73 -24.01 32.18 8.55
CA GLY A 73 -22.83 32.43 7.76
C GLY A 73 -22.38 31.13 7.16
N THR A 74 -21.27 30.61 7.70
CA THR A 74 -20.60 29.42 7.18
C THR A 74 -20.38 28.36 8.27
N ASP A 75 -21.21 28.43 9.31
CA ASP A 75 -20.87 27.74 10.54
C ASP A 75 -22.13 27.30 11.26
N PHE A 76 -22.38 25.99 11.27
CA PHE A 76 -23.64 25.42 11.73
C PHE A 76 -23.45 24.26 12.67
N THR A 77 -24.47 24.00 13.49
CA THR A 77 -24.42 22.96 14.48
C THR A 77 -25.73 22.20 14.53
N LEU A 78 -25.62 20.87 14.65
CA LEU A 78 -26.74 19.99 15.02
C LEU A 78 -26.51 19.44 16.43
N LYS A 79 -27.53 19.52 17.27
CA LYS A 79 -27.41 19.11 18.65
C LYS A 79 -28.48 18.09 18.96
N ILE A 80 -28.07 17.00 19.57
CA ILE A 80 -29.00 15.97 20.03
C ILE A 80 -28.86 16.08 21.54
N SER A 81 -29.97 16.38 22.21
CA SER A 81 -29.95 16.73 23.64
C SER A 81 -30.00 15.49 24.49
N ARG A 82 -30.54 14.40 23.93
CA ARG A 82 -30.51 13.12 24.65
C ARG A 82 -30.48 11.92 23.70
N VAL A 83 -29.29 11.32 23.51
CA VAL A 83 -29.15 10.28 22.47
C VAL A 83 -29.96 9.01 22.75
N GLU A 84 -30.58 8.45 21.72
CA GLU A 84 -31.34 7.20 21.87
C GLU A 84 -30.90 6.17 20.86
N ALA A 85 -31.19 4.90 21.14
CA ALA A 85 -30.75 3.77 20.28
C ALA A 85 -30.99 4.08 18.79
N GLU A 86 -32.21 4.55 18.49
CA GLU A 86 -32.65 4.85 17.11
C GLU A 86 -31.96 6.08 16.45
N ASP A 87 -31.16 6.82 17.20
CA ASP A 87 -30.39 7.94 16.66
C ASP A 87 -28.99 7.56 16.13
N LEU A 88 -28.58 6.32 16.29
CA LEU A 88 -27.24 5.93 15.85
C LEU A 88 -27.31 5.68 14.35
N GLY A 89 -26.35 6.26 13.62
CA GLY A 89 -26.26 6.23 12.17
C GLY A 89 -25.34 7.35 11.71
N VAL A 90 -25.45 7.74 10.45
CA VAL A 90 -24.54 8.73 9.93
C VAL A 90 -25.32 10.02 9.67
N TYR A 91 -24.73 11.11 10.14
CA TYR A 91 -25.29 12.42 9.94
C TYR A 91 -24.54 13.21 8.87
N TYR A 92 -25.27 13.65 7.85
CA TYR A 92 -24.72 14.53 6.83
C TYR A 92 -25.34 15.91 6.95
N CYS A 93 -24.57 16.95 6.74
CA CYS A 93 -25.16 18.24 6.50
C CYS A 93 -25.09 18.51 5.01
N PHE A 94 -25.95 19.43 4.58
CA PHE A 94 -26.20 19.65 3.16
C PHE A 94 -26.49 21.10 2.90
N GLN A 95 -26.09 21.54 1.71
CA GLN A 95 -26.16 22.91 1.24
C GLN A 95 -26.93 22.92 -0.10
N GLY A 96 -28.06 23.63 -0.13
CA GLY A 96 -28.88 23.70 -1.35
C GLY A 96 -28.88 25.10 -1.96
N SER A 97 -27.93 25.94 -1.56
CA SER A 97 -27.99 27.35 -1.91
C SER A 97 -27.21 27.66 -3.19
N HIS A 98 -26.20 26.86 -3.51
CA HIS A 98 -25.31 27.08 -4.66
C HIS A 98 -25.16 25.79 -5.44
N ILE A 99 -25.32 25.87 -6.76
CA ILE A 99 -25.16 24.73 -7.63
C ILE A 99 -23.69 24.58 -7.81
N PRO A 100 -23.18 23.33 -7.88
CA PRO A 100 -23.80 22.05 -7.56
C PRO A 100 -24.14 21.88 -6.10
N LEU A 101 -25.28 21.27 -5.80
CA LEU A 101 -25.63 20.96 -4.43
C LEU A 101 -24.59 19.99 -3.86
N THR A 102 -24.28 20.16 -2.57
CA THR A 102 -23.24 19.35 -1.94
C THR A 102 -23.48 18.97 -0.48
N PHE A 103 -22.90 17.84 -0.10
CA PHE A 103 -23.01 17.23 1.21
C PHE A 103 -21.66 17.22 1.88
N GLY A 104 -21.67 17.17 3.20
CA GLY A 104 -20.47 16.85 3.95
C GLY A 104 -20.17 15.35 3.91
N ALA A 105 -19.00 14.99 4.45
CA ALA A 105 -18.48 13.60 4.38
C ALA A 105 -19.27 12.65 5.23
N GLY A 106 -19.84 13.17 6.32
CA GLY A 106 -20.60 12.33 7.22
C GLY A 106 -19.95 12.34 8.60
N THR A 107 -20.76 12.06 9.61
CA THR A 107 -20.27 11.96 10.96
C THR A 107 -20.94 10.74 11.57
N LYS A 108 -20.17 9.70 11.87
CA LYS A 108 -20.74 8.42 12.34
C LYS A 108 -20.90 8.51 13.87
N LEU A 109 -22.08 8.20 14.37
CA LEU A 109 -22.38 8.20 15.77
C LEU A 109 -22.41 6.72 16.26
N GLU A 110 -21.52 6.37 17.20
CA GLU A 110 -21.43 5.01 17.75
C GLU A 110 -21.66 4.95 19.26
N VAL A 111 -22.13 3.79 19.75
CA VAL A 111 -22.36 3.60 21.18
C VAL A 111 -20.97 3.46 21.78
N LYS A 112 -20.70 4.25 22.81
CA LYS A 112 -19.54 4.09 23.67
C LYS A 112 -19.78 2.89 24.59
N ARG A 113 -18.71 2.20 24.96
CA ARG A 113 -18.79 1.10 25.91
C ARG A 113 -17.38 0.86 26.40
N SER A 114 -17.24 -0.07 27.33
CA SER A 114 -15.91 -0.32 27.88
C SER A 114 -14.98 -1.16 27.00
N ASP A 115 -13.75 -0.68 26.99
CA ASP A 115 -12.62 -1.34 26.44
C ASP A 115 -12.64 -2.87 26.55
N ALA A 116 -12.61 -3.54 25.41
CA ALA A 116 -12.53 -4.99 25.38
C ALA A 116 -11.31 -5.39 24.55
N ALA A 117 -10.54 -6.34 25.05
CA ALA A 117 -9.39 -6.87 24.27
C ALA A 117 -9.92 -7.97 23.33
N PRO A 118 -9.37 -8.04 22.12
CA PRO A 118 -9.77 -9.00 21.13
C PRO A 118 -9.38 -10.40 21.48
N THR A 119 -10.24 -11.33 21.16
CA THR A 119 -9.84 -12.72 21.05
C THR A 119 -9.32 -13.00 19.65
N VAL A 120 -8.09 -13.46 19.58
CA VAL A 120 -7.43 -13.68 18.35
C VAL A 120 -7.30 -15.19 18.06
N SER A 121 -7.67 -15.65 16.88
CA SER A 121 -7.42 -17.01 16.44
C SER A 121 -6.76 -17.00 15.11
N ILE A 122 -5.80 -17.89 14.93
CA ILE A 122 -5.14 -18.07 13.65
C ILE A 122 -5.43 -19.45 13.09
N PHE A 123 -5.60 -19.57 11.79
CA PHE A 123 -5.96 -20.84 11.17
C PHE A 123 -5.09 -21.11 9.99
N PRO A 124 -4.34 -22.18 10.02
CA PRO A 124 -3.59 -22.52 8.82
C PRO A 124 -4.51 -22.88 7.67
N PRO A 125 -3.96 -23.00 6.48
CA PRO A 125 -4.79 -23.40 5.38
C PRO A 125 -5.25 -24.83 5.49
N SER A 126 -6.48 -25.08 5.06
CA SER A 126 -7.02 -26.41 5.05
C SER A 126 -6.31 -27.18 3.97
N SER A 127 -6.08 -28.45 4.24
CA SER A 127 -5.50 -29.38 3.27
C SER A 127 -6.30 -29.34 1.97
N GLU A 128 -7.60 -29.14 2.09
CA GLU A 128 -8.42 -29.02 0.89
C GLU A 128 -7.95 -27.91 -0.03
N GLN A 129 -7.68 -26.74 0.55
CA GLN A 129 -7.22 -25.61 -0.26
C GLN A 129 -5.88 -25.92 -0.90
N LEU A 130 -5.02 -26.54 -0.11
CA LEU A 130 -3.68 -26.80 -0.54
C LEU A 130 -3.75 -27.61 -1.80
N THR A 131 -4.60 -28.63 -1.80
CA THR A 131 -4.59 -29.51 -2.94
C THR A 131 -5.02 -28.83 -4.23
N SER A 132 -5.59 -27.63 -4.17
CA SER A 132 -5.75 -26.84 -5.41
C SER A 132 -4.69 -25.74 -5.61
N GLY A 133 -3.59 -25.74 -4.84
CA GLY A 133 -2.46 -24.83 -5.11
C GLY A 133 -2.57 -23.39 -4.62
N GLY A 134 -3.46 -23.18 -3.64
CA GLY A 134 -3.55 -21.91 -2.93
C GLY A 134 -3.37 -22.18 -1.45
N ALA A 135 -3.00 -21.12 -0.70
CA ALA A 135 -2.85 -21.19 0.74
C ALA A 135 -3.37 -19.84 1.34
N SER A 136 -4.43 -19.86 2.17
CA SER A 136 -4.85 -18.65 2.87
C SER A 136 -4.66 -18.87 4.31
N VAL A 137 -4.00 -17.95 4.99
CA VAL A 137 -3.88 -18.02 6.43
C VAL A 137 -4.88 -16.98 6.96
N VAL A 138 -5.76 -17.40 7.85
CA VAL A 138 -6.84 -16.51 8.31
C VAL A 138 -6.67 -16.19 9.79
N CYS A 139 -6.86 -14.93 10.11
CA CYS A 139 -6.77 -14.50 11.47
C CYS A 139 -8.05 -13.78 11.88
N PHE A 140 -8.74 -14.24 12.91
CA PHE A 140 -9.90 -13.46 13.43
C PHE A 140 -9.52 -12.71 14.66
N LEU A 141 -9.82 -11.43 14.69
CA LEU A 141 -9.70 -10.64 15.91
C LEU A 141 -11.13 -10.25 16.33
N ASN A 142 -11.65 -10.98 17.30
CA ASN A 142 -13.05 -10.85 17.67
C ASN A 142 -13.35 -10.04 18.93
N ASN A 143 -14.53 -9.42 18.90
CA ASN A 143 -15.16 -8.72 20.04
C ASN A 143 -14.28 -7.81 20.84
N PHE A 144 -13.69 -6.83 20.19
CA PHE A 144 -12.89 -5.81 20.85
C PHE A 144 -13.49 -4.42 20.74
N TYR A 145 -13.07 -3.55 21.64
CA TYR A 145 -13.43 -2.16 21.63
C TYR A 145 -12.30 -1.41 22.29
N PRO A 146 -11.95 -0.23 21.77
CA PRO A 146 -12.49 0.48 20.60
C PRO A 146 -11.94 -0.08 19.26
N LYS A 147 -12.38 0.51 18.15
CA LYS A 147 -12.07 0.02 16.80
C LYS A 147 -10.63 0.19 16.37
N ASP A 148 -9.93 1.10 17.00
CA ASP A 148 -8.57 1.38 16.56
C ASP A 148 -7.76 0.14 16.85
N ILE A 149 -7.28 -0.50 15.78
CA ILE A 149 -6.48 -1.70 15.91
C ILE A 149 -5.53 -1.85 14.76
N ASN A 150 -4.34 -2.32 15.04
CA ASN A 150 -3.35 -2.56 14.01
C ASN A 150 -2.99 -4.05 13.96
N VAL A 151 -3.19 -4.69 12.83
CA VAL A 151 -2.74 -6.05 12.66
C VAL A 151 -1.57 -6.05 11.74
N LYS A 152 -0.58 -6.87 12.04
CA LYS A 152 0.49 -7.00 11.09
C LYS A 152 0.90 -8.46 11.05
N TRP A 153 1.37 -8.91 9.90
CA TRP A 153 1.72 -10.32 9.73
C TRP A 153 3.19 -10.50 9.63
N LYS A 154 3.73 -11.54 10.24
CA LYS A 154 5.11 -11.91 10.01
C LYS A 154 5.18 -13.33 9.47
N ILE A 155 6.01 -13.50 8.44
CA ILE A 155 6.38 -14.80 7.90
C ILE A 155 7.83 -14.95 8.24
N ASP A 156 8.18 -16.05 8.90
CA ASP A 156 9.54 -16.27 9.40
C ASP A 156 10.20 -15.10 10.14
N GLY A 157 9.49 -14.43 11.04
CA GLY A 157 10.06 -13.35 11.81
C GLY A 157 10.05 -12.01 11.13
N SER A 158 9.57 -11.95 9.89
CA SER A 158 9.63 -10.75 9.01
C SER A 158 8.28 -10.21 8.55
N GLU A 159 8.08 -8.92 8.66
CA GLU A 159 6.83 -8.29 8.28
C GLU A 159 6.53 -8.54 6.82
N ARG A 160 5.24 -8.64 6.51
CA ARG A 160 4.75 -8.95 5.18
C ARG A 160 3.54 -8.08 4.90
N GLN A 161 3.64 -7.26 3.86
CA GLN A 161 2.55 -6.33 3.57
C GLN A 161 1.63 -6.72 2.44
N ASN A 162 2.15 -7.25 1.35
CA ASN A 162 1.22 -7.52 0.25
C ASN A 162 0.58 -8.87 0.44
N GLY A 163 -0.61 -9.00 -0.11
CA GLY A 163 -1.34 -10.23 -0.06
C GLY A 163 -2.32 -10.26 1.07
N VAL A 164 -2.41 -9.19 1.85
CA VAL A 164 -3.26 -9.15 3.03
C VAL A 164 -4.62 -8.54 2.69
N LEU A 165 -5.72 -9.16 3.11
CA LEU A 165 -7.06 -8.58 2.96
C LEU A 165 -7.78 -8.55 4.31
N ASN A 166 -8.24 -7.36 4.67
CA ASN A 166 -8.84 -7.12 5.96
C ASN A 166 -10.27 -6.71 5.85
N SER A 167 -11.12 -7.21 6.73
CA SER A 167 -12.50 -6.92 6.68
C SER A 167 -12.98 -6.65 8.10
N TRP A 168 -13.78 -5.61 8.26
CA TRP A 168 -14.37 -5.24 9.54
C TRP A 168 -15.85 -5.39 9.55
N THR A 169 -16.37 -5.87 10.65
CA THR A 169 -17.79 -5.78 10.90
C THR A 169 -18.11 -4.39 11.48
N ASP A 170 -19.35 -3.99 11.35
CA ASP A 170 -19.89 -2.90 12.14
C ASP A 170 -19.95 -3.20 13.62
N GLN A 171 -20.23 -2.16 14.36
CA GLN A 171 -20.49 -2.25 15.75
C GLN A 171 -21.60 -3.25 16.02
N ASP A 172 -21.29 -4.34 16.70
CA ASP A 172 -22.32 -5.35 17.03
C ASP A 172 -23.51 -4.75 17.77
N SER A 173 -24.71 -5.19 17.43
CA SER A 173 -25.92 -4.58 18.01
C SER A 173 -26.15 -5.00 19.46
N LYS A 174 -25.90 -6.28 19.78
CA LYS A 174 -26.07 -6.76 21.17
C LYS A 174 -24.99 -6.17 22.09
N ASP A 175 -23.71 -6.45 21.85
CA ASP A 175 -22.63 -6.02 22.77
C ASP A 175 -21.75 -4.83 22.37
N SER A 176 -22.03 -4.15 21.25
CA SER A 176 -21.30 -2.91 20.87
C SER A 176 -19.81 -3.07 20.59
N THR A 177 -19.38 -4.28 20.32
CA THR A 177 -17.97 -4.53 20.04
C THR A 177 -17.78 -4.56 18.53
N TYR A 178 -16.53 -4.41 18.08
CA TYR A 178 -16.18 -4.60 16.68
C TYR A 178 -15.49 -5.94 16.52
N SER A 179 -15.47 -6.43 15.28
CA SER A 179 -14.70 -7.60 14.95
C SER A 179 -13.98 -7.45 13.61
N MET A 180 -12.93 -8.22 13.42
CA MET A 180 -12.09 -8.08 12.23
C MET A 180 -11.45 -9.40 11.75
N SER A 181 -11.34 -9.52 10.44
CA SER A 181 -10.84 -10.70 9.81
C SER A 181 -9.66 -10.31 8.93
N SER A 182 -8.50 -10.89 9.16
CA SER A 182 -7.35 -10.67 8.30
C SER A 182 -6.93 -11.96 7.57
N THR A 183 -6.71 -11.87 6.30
CA THR A 183 -6.37 -13.06 5.52
C THR A 183 -5.14 -12.80 4.69
N LEU A 184 -4.16 -13.67 4.85
CA LEU A 184 -2.97 -13.57 4.06
C LEU A 184 -3.10 -14.60 2.97
N THR A 185 -3.03 -14.17 1.71
CA THR A 185 -3.12 -15.14 0.61
C THR A 185 -1.81 -15.35 -0.13
N LEU A 186 -1.41 -16.61 -0.18
CA LEU A 186 -0.14 -17.04 -0.75
C LEU A 186 -0.41 -18.13 -1.83
N THR A 187 0.59 -18.42 -2.61
CA THR A 187 0.56 -19.54 -3.49
C THR A 187 1.05 -20.73 -2.67
N LYS A 188 0.67 -21.93 -3.05
CA LYS A 188 1.07 -23.10 -2.31
C LYS A 188 2.58 -23.15 -2.16
N ASP A 189 3.29 -22.92 -3.27
CA ASP A 189 4.74 -23.01 -3.25
C ASP A 189 5.34 -22.10 -2.19
N GLU A 190 4.84 -20.88 -2.21
CA GLU A 190 5.19 -19.80 -1.32
C GLU A 190 4.94 -20.20 0.12
N TYR A 191 3.82 -20.82 0.42
CA TYR A 191 3.50 -21.20 1.80
C TYR A 191 4.45 -22.25 2.28
N GLU A 192 4.80 -23.18 1.41
CA GLU A 192 5.70 -24.28 1.74
C GLU A 192 7.20 -23.92 1.89
N ARG A 193 7.59 -22.76 1.38
CA ARG A 193 8.90 -22.19 1.67
C ARG A 193 9.10 -21.60 3.09
N HIS A 194 8.04 -21.41 3.87
CA HIS A 194 8.23 -20.70 5.11
C HIS A 194 7.66 -21.49 6.18
N ASN A 195 8.04 -21.21 7.42
CA ASN A 195 7.66 -22.07 8.54
C ASN A 195 6.89 -21.43 9.65
N SER A 196 7.18 -20.18 9.97
CA SER A 196 6.46 -19.53 11.05
C SER A 196 5.48 -18.43 10.52
N TYR A 197 4.23 -18.47 10.95
CA TYR A 197 3.21 -17.53 10.51
C TYR A 197 2.64 -16.83 11.75
N THR A 198 2.81 -15.52 11.84
CA THR A 198 2.33 -14.78 13.00
C THR A 198 1.30 -13.72 12.65
N CYS A 199 0.28 -13.71 13.46
CA CYS A 199 -0.72 -12.70 13.40
C CYS A 199 -0.60 -11.92 14.70
N GLU A 200 -0.35 -10.63 14.55
CA GLU A 200 0.06 -9.74 15.62
C GLU A 200 -0.83 -8.49 15.67
N ALA A 201 -1.55 -8.30 16.76
CA ALA A 201 -2.40 -7.15 16.89
C ALA A 201 -1.93 -6.19 17.99
N THR A 202 -2.06 -4.90 17.71
CA THR A 202 -1.79 -3.87 18.70
C THR A 202 -3.07 -3.15 18.90
N HIS A 203 -3.45 -3.05 20.18
CA HIS A 203 -4.71 -2.47 20.63
C HIS A 203 -4.47 -1.88 22.01
N LYS A 204 -5.21 -0.86 22.39
CA LYS A 204 -4.84 -0.12 23.62
C LYS A 204 -4.99 -0.96 24.91
N THR A 205 -5.76 -2.04 24.83
CA THR A 205 -6.06 -2.80 26.01
C THR A 205 -4.84 -3.57 26.56
N SER A 206 -3.73 -3.61 25.84
CA SER A 206 -2.63 -4.44 26.26
C SER A 206 -1.36 -3.75 25.90
N THR A 207 -0.38 -3.91 26.78
CA THR A 207 0.87 -3.17 26.67
C THR A 207 1.62 -3.89 25.58
N SER A 208 1.73 -5.20 25.81
CA SER A 208 2.19 -6.14 24.79
C SER A 208 1.27 -6.25 23.57
N PRO A 209 1.87 -6.36 22.39
CA PRO A 209 1.09 -6.84 21.27
C PRO A 209 0.50 -8.26 21.51
N ILE A 210 -0.71 -8.48 21.03
CA ILE A 210 -1.37 -9.76 21.15
C ILE A 210 -0.97 -10.57 19.93
N VAL A 211 -0.41 -11.74 20.13
CA VAL A 211 0.23 -12.49 19.08
C VAL A 211 -0.35 -13.88 18.98
N LYS A 212 -0.73 -14.36 17.81
CA LYS A 212 -0.92 -15.79 17.61
C LYS A 212 -0.01 -16.29 16.50
N SER A 213 0.48 -17.52 16.65
CA SER A 213 1.36 -18.15 15.69
C SER A 213 1.10 -19.62 15.49
N PHE A 214 1.75 -20.12 14.45
CA PHE A 214 1.88 -21.52 14.31
C PHE A 214 3.04 -21.75 13.43
N ASN A 215 3.57 -22.97 13.47
CA ASN A 215 4.60 -23.45 12.56
C ASN A 215 4.01 -24.44 11.66
N ARG A 216 4.39 -24.40 10.39
CA ARG A 216 3.86 -25.27 9.35
C ARG A 216 4.13 -26.76 9.62
N ASN A 217 5.06 -27.06 10.53
CA ASN A 217 5.22 -28.42 11.16
C ASN A 217 4.41 -28.57 12.50
N GLU A 218 3.12 -28.94 12.46
CA GLU A 218 2.33 -29.09 13.75
C GLU A 218 0.85 -29.50 13.60
N GLU B 1 -50.24 7.55 0.42
CA GLU B 1 -48.77 7.48 0.75
C GLU B 1 -47.90 7.94 -0.42
N VAL B 2 -47.12 9.00 -0.16
CA VAL B 2 -46.00 9.38 -1.03
C VAL B 2 -44.98 8.22 -1.09
N GLN B 3 -44.62 7.82 -2.29
CA GLN B 3 -43.69 6.72 -2.46
C GLN B 3 -42.87 6.86 -3.77
N LEU B 4 -41.58 6.60 -3.65
CA LEU B 4 -40.68 6.59 -4.80
C LEU B 4 -40.12 5.16 -4.88
N GLU B 5 -40.18 4.57 -6.05
CA GLU B 5 -39.78 3.18 -6.17
C GLU B 5 -38.82 3.03 -7.33
N GLU B 6 -37.64 2.51 -7.04
CA GLU B 6 -36.56 2.47 -8.00
C GLU B 6 -36.42 1.07 -8.55
N SER B 7 -35.71 0.94 -9.66
CA SER B 7 -35.56 -0.38 -10.24
C SER B 7 -34.51 -1.22 -9.47
N GLY B 8 -34.47 -2.53 -9.75
CA GLY B 8 -33.62 -3.46 -9.00
C GLY B 8 -32.16 -3.31 -9.33
N PRO B 9 -31.32 -4.06 -8.63
CA PRO B 9 -29.88 -3.88 -8.81
C PRO B 9 -29.39 -4.30 -10.21
N GLU B 10 -28.22 -3.78 -10.58
CA GLU B 10 -27.70 -3.91 -11.89
C GLU B 10 -26.30 -4.38 -11.85
N LEU B 11 -26.03 -5.32 -12.73
CA LEU B 11 -24.74 -5.91 -12.92
C LEU B 11 -24.44 -5.78 -14.40
N VAL B 12 -23.47 -4.95 -14.75
CA VAL B 12 -23.10 -4.74 -16.14
C VAL B 12 -21.58 -4.80 -16.33
N LYS B 13 -21.14 -4.88 -17.57
CA LYS B 13 -19.74 -4.95 -17.91
C LYS B 13 -19.16 -3.56 -18.16
N PRO B 14 -17.84 -3.38 -17.98
CA PRO B 14 -17.22 -2.10 -18.28
C PRO B 14 -17.47 -1.61 -19.72
N GLY B 15 -17.69 -0.29 -19.87
CA GLY B 15 -17.99 0.30 -21.14
C GLY B 15 -19.44 0.20 -21.53
N ALA B 16 -20.21 -0.66 -20.89
CA ALA B 16 -21.62 -0.73 -21.10
C ALA B 16 -22.38 0.53 -20.53
N SER B 17 -23.70 0.55 -20.68
CA SER B 17 -24.49 1.62 -20.14
C SER B 17 -25.75 1.04 -19.52
N VAL B 18 -26.32 1.75 -18.54
CA VAL B 18 -27.42 1.24 -17.70
C VAL B 18 -28.52 2.31 -17.64
N LYS B 19 -29.78 1.89 -17.52
CA LYS B 19 -30.90 2.80 -17.27
C LYS B 19 -31.68 2.52 -15.96
N ILE B 20 -31.78 3.49 -15.08
CA ILE B 20 -32.52 3.25 -13.85
C ILE B 20 -33.66 4.12 -13.71
N SER B 21 -34.71 3.54 -13.16
CA SER B 21 -35.97 4.24 -13.08
C SER B 21 -36.33 4.53 -11.66
N CYS B 22 -37.11 5.57 -11.53
CA CYS B 22 -37.63 6.01 -10.28
C CYS B 22 -39.09 6.34 -10.58
N LYS B 23 -39.99 5.58 -10.02
CA LYS B 23 -41.42 5.77 -10.25
C LYS B 23 -42.08 6.49 -9.07
N ALA B 24 -42.73 7.62 -9.34
CA ALA B 24 -43.40 8.42 -8.27
C ALA B 24 -44.86 8.09 -8.16
N SER B 25 -45.36 8.05 -6.93
CA SER B 25 -46.78 7.85 -6.70
C SER B 25 -47.17 8.40 -5.30
N GLY B 26 -48.35 9.02 -5.23
CA GLY B 26 -48.90 9.54 -3.96
C GLY B 26 -49.04 11.05 -3.98
N TYR B 27 -48.73 11.68 -5.10
CA TYR B 27 -48.72 13.11 -5.14
C TYR B 27 -48.67 13.55 -6.63
N THR B 28 -48.85 14.85 -6.85
CA THR B 28 -48.89 15.43 -8.20
C THR B 28 -47.47 15.52 -8.73
N PHE B 29 -47.15 14.58 -9.61
CA PHE B 29 -45.80 14.43 -10.17
C PHE B 29 -45.15 15.75 -10.66
N THR B 30 -45.94 16.63 -11.25
CA THR B 30 -45.35 17.80 -11.89
C THR B 30 -45.16 18.97 -10.95
N ASP B 31 -45.47 18.79 -9.67
CA ASP B 31 -45.21 19.83 -8.67
C ASP B 31 -43.79 19.78 -8.10
N TYR B 32 -43.20 18.59 -8.13
CA TYR B 32 -41.86 18.37 -7.53
C TYR B 32 -40.83 18.02 -8.57
N TYR B 33 -39.60 18.44 -8.29
CA TYR B 33 -38.45 17.99 -9.02
C TYR B 33 -37.97 16.67 -8.41
N MET B 34 -37.30 15.93 -9.26
CA MET B 34 -36.60 14.74 -8.94
C MET B 34 -35.13 14.94 -9.03
N ASN B 35 -34.40 14.62 -7.99
CA ASN B 35 -32.95 14.70 -8.05
C ASN B 35 -32.40 13.32 -7.98
N TRP B 36 -31.26 13.12 -8.63
CA TRP B 36 -30.54 11.87 -8.59
C TRP B 36 -29.24 12.08 -7.86
N LEU B 37 -28.94 11.18 -6.94
CA LEU B 37 -27.71 11.27 -6.17
C LEU B 37 -27.05 9.91 -6.14
N ARG B 38 -25.75 9.96 -5.81
CA ARG B 38 -24.92 8.78 -5.75
C ARG B 38 -24.21 8.66 -4.40
N GLN B 39 -24.10 7.44 -3.91
CA GLN B 39 -23.28 7.18 -2.74
C GLN B 39 -22.32 6.01 -2.93
N LYS B 40 -21.04 6.35 -3.08
CA LYS B 40 -19.99 5.34 -3.08
C LYS B 40 -19.84 4.83 -1.64
N PRO B 41 -19.41 3.57 -1.52
CA PRO B 41 -19.33 2.92 -0.17
C PRO B 41 -18.40 3.65 0.79
N GLY B 42 -18.77 3.67 2.04
CA GLY B 42 -18.03 4.47 3.01
C GLY B 42 -17.85 5.93 2.63
N GLN B 43 -18.60 6.44 1.64
CA GLN B 43 -18.42 7.86 1.26
C GLN B 43 -19.69 8.67 1.48
N GLY B 44 -19.59 9.96 1.18
CA GLY B 44 -20.74 10.86 1.22
C GLY B 44 -21.61 10.71 0.00
N LEU B 45 -22.59 11.60 -0.10
CA LEU B 45 -23.48 11.65 -1.22
C LEU B 45 -23.02 12.70 -2.19
N GLU B 46 -23.22 12.44 -3.48
CA GLU B 46 -22.94 13.43 -4.50
C GLU B 46 -24.16 13.55 -5.36
N TRP B 47 -24.40 14.78 -5.79
CA TRP B 47 -25.56 15.15 -6.57
C TRP B 47 -25.24 15.02 -8.07
N ILE B 48 -26.09 14.27 -8.77
CA ILE B 48 -25.91 14.07 -10.20
C ILE B 48 -26.62 15.19 -10.97
N GLY B 49 -27.83 15.54 -10.57
CA GLY B 49 -28.66 16.44 -11.38
C GLY B 49 -30.11 16.25 -11.08
N TRP B 50 -30.95 17.12 -11.63
CA TRP B 50 -32.37 16.97 -11.42
C TRP B 50 -33.09 16.87 -12.73
N VAL B 51 -34.25 16.21 -12.68
CA VAL B 51 -35.19 16.14 -13.80
C VAL B 51 -36.56 16.70 -13.38
N TYR B 52 -37.08 17.51 -14.28
CA TYR B 52 -38.33 18.16 -14.09
C TYR B 52 -38.74 18.52 -15.54
N PRO B 53 -40.03 18.40 -15.87
CA PRO B 53 -40.44 18.83 -17.21
C PRO B 53 -40.27 20.30 -17.20
N GLY B 54 -39.46 20.86 -18.07
CA GLY B 54 -39.18 22.29 -17.93
C GLY B 54 -37.78 22.62 -17.48
N SER B 55 -37.21 21.76 -16.65
CA SER B 55 -35.79 21.91 -16.26
C SER B 55 -35.07 20.58 -16.07
N ILE B 56 -33.97 20.38 -16.80
CA ILE B 56 -33.07 19.24 -16.62
C ILE B 56 -31.69 19.82 -16.45
N LYS B 57 -31.16 19.71 -15.25
CA LYS B 57 -29.84 20.27 -14.93
C LYS B 57 -28.91 19.14 -14.47
N TYR B 58 -27.65 19.19 -14.91
CA TYR B 58 -26.65 18.22 -14.50
C TYR B 58 -25.55 18.86 -13.68
N ASN B 59 -25.02 18.13 -12.72
CA ASN B 59 -23.74 18.48 -12.14
C ASN B 59 -22.66 18.34 -13.22
N GLU B 60 -21.93 19.43 -13.36
CA GLU B 60 -20.91 19.59 -14.40
C GLU B 60 -20.11 18.28 -14.53
N LYS B 61 -19.75 17.76 -13.36
CA LYS B 61 -18.97 16.54 -13.23
C LYS B 61 -19.59 15.29 -13.84
N PHE B 62 -20.89 15.24 -14.03
CA PHE B 62 -21.53 14.04 -14.54
C PHE B 62 -22.13 14.24 -15.92
N LYS B 63 -21.90 15.39 -16.51
CA LYS B 63 -22.70 15.78 -17.67
C LYS B 63 -22.38 14.98 -18.93
N ASP B 64 -21.26 14.28 -18.99
CA ASP B 64 -21.01 13.31 -20.08
C ASP B 64 -21.43 11.87 -19.75
N LYS B 65 -21.46 11.55 -18.45
CA LYS B 65 -21.83 10.23 -17.96
C LYS B 65 -23.35 10.00 -18.02
N ALA B 66 -24.14 11.00 -17.58
CA ALA B 66 -25.56 10.84 -17.22
C ALA B 66 -26.48 11.51 -18.22
N THR B 67 -27.64 10.90 -18.48
CA THR B 67 -28.73 11.58 -19.17
C THR B 67 -30.02 11.34 -18.42
N LEU B 68 -30.71 12.41 -18.07
CA LEU B 68 -31.90 12.33 -17.27
C LEU B 68 -33.09 12.60 -18.17
N THR B 69 -34.14 11.79 -18.02
CA THR B 69 -35.34 11.91 -18.85
C THR B 69 -36.52 11.68 -17.97
N ALA B 70 -37.65 12.31 -18.30
CA ALA B 70 -38.91 12.12 -17.56
C ALA B 70 -39.99 11.64 -18.54
N ASP B 71 -40.92 10.84 -18.05
CA ASP B 71 -42.15 10.47 -18.74
C ASP B 71 -43.31 10.91 -17.79
N THR B 72 -43.74 12.16 -17.91
CA THR B 72 -44.80 12.68 -17.01
C THR B 72 -46.11 11.89 -17.16
N SER B 73 -46.41 11.46 -18.39
CA SER B 73 -47.62 10.65 -18.61
C SER B 73 -47.68 9.34 -17.80
N SER B 74 -46.55 8.81 -17.30
CA SER B 74 -46.61 7.68 -16.28
C SER B 74 -45.91 8.08 -14.99
N SER B 75 -45.60 9.37 -14.86
CA SER B 75 -44.90 9.89 -13.68
C SER B 75 -43.74 8.98 -13.20
N ILE B 76 -42.77 8.80 -14.09
CA ILE B 76 -41.59 8.01 -13.82
C ILE B 76 -40.40 8.74 -14.49
N VAL B 77 -39.27 8.81 -13.78
CA VAL B 77 -38.04 9.43 -14.30
C VAL B 77 -36.98 8.37 -14.50
N TYR B 78 -36.05 8.68 -15.41
CA TYR B 78 -34.95 7.75 -15.75
C TYR B 78 -33.57 8.39 -15.70
N MET B 79 -32.60 7.68 -15.16
CA MET B 79 -31.23 8.10 -15.30
C MET B 79 -30.47 7.08 -16.12
N HIS B 80 -29.82 7.57 -17.17
CA HIS B 80 -28.97 6.76 -18.06
C HIS B 80 -27.52 7.10 -17.78
N LEU B 81 -26.74 6.09 -17.40
CA LEU B 81 -25.31 6.23 -17.17
C LEU B 81 -24.59 5.41 -18.25
N SER B 82 -23.49 5.95 -18.76
CA SER B 82 -22.80 5.30 -19.83
C SER B 82 -21.27 5.28 -19.66
N SER B 83 -20.67 4.46 -20.54
CA SER B 83 -19.26 4.12 -20.54
C SER B 83 -18.82 3.92 -19.09
N LEU B 84 -19.39 2.87 -18.51
CA LEU B 84 -19.32 2.65 -17.11
C LEU B 84 -18.03 1.99 -16.79
N THR B 85 -17.38 2.44 -15.74
CA THR B 85 -16.26 1.69 -15.20
C THR B 85 -16.63 1.33 -13.79
N SER B 86 -15.75 0.61 -13.14
CA SER B 86 -16.07 0.15 -11.83
C SER B 86 -15.96 1.29 -10.85
N ASP B 87 -15.40 2.42 -11.21
CA ASP B 87 -15.48 3.56 -10.32
C ASP B 87 -16.88 4.16 -10.23
N ASP B 88 -17.82 3.61 -10.99
CA ASP B 88 -19.21 4.02 -10.94
C ASP B 88 -20.05 3.13 -10.03
N ASN B 89 -19.43 2.09 -9.44
CA ASN B 89 -20.04 1.21 -8.45
C ASN B 89 -20.50 2.04 -7.26
N ALA B 90 -21.80 2.08 -7.03
CA ALA B 90 -22.36 2.91 -6.01
C ALA B 90 -23.79 2.53 -5.84
N VAL B 91 -24.41 3.14 -4.83
CA VAL B 91 -25.85 3.05 -4.66
C VAL B 91 -26.37 4.38 -5.16
N TYR B 92 -27.37 4.30 -6.06
CA TYR B 92 -28.00 5.47 -6.67
C TYR B 92 -29.38 5.70 -6.12
N PHE B 93 -29.61 6.92 -5.62
CA PHE B 93 -30.86 7.33 -4.99
C PHE B 93 -31.56 8.41 -5.80
N CYS B 94 -32.89 8.33 -5.85
CA CYS B 94 -33.72 9.48 -6.26
C CYS B 94 -34.54 10.02 -5.08
N THR B 95 -34.64 11.35 -5.04
CA THR B 95 -35.48 12.05 -4.07
C THR B 95 -36.33 13.05 -4.74
N ARG B 96 -37.33 13.48 -4.00
CA ARG B 96 -38.25 14.50 -4.46
C ARG B 96 -37.81 15.84 -3.87
N TRP B 97 -38.06 16.94 -4.58
CA TRP B 97 -37.56 18.23 -4.18
C TRP B 97 -38.28 19.49 -4.70
N THR B 98 -38.20 20.54 -3.88
CA THR B 98 -38.28 21.96 -4.26
C THR B 98 -37.38 22.73 -3.29
N TYR B 99 -36.71 23.81 -3.73
CA TYR B 99 -36.11 24.80 -2.78
C TYR B 99 -36.85 24.79 -1.40
N GLY B 100 -38.17 24.99 -1.42
CA GLY B 100 -38.88 25.14 -0.15
C GLY B 100 -39.12 23.91 0.71
N SER B 101 -39.11 22.72 0.08
CA SER B 101 -39.50 21.44 0.75
C SER B 101 -38.34 20.43 1.08
N SER B 102 -37.16 20.64 0.46
CA SER B 102 -36.00 19.76 0.62
C SER B 102 -36.27 18.32 0.14
N PHE B 103 -35.31 17.45 0.44
CA PHE B 103 -35.39 16.04 0.11
C PHE B 103 -36.18 15.25 1.17
N ASP B 104 -37.51 15.23 1.03
CA ASP B 104 -38.39 14.69 2.08
C ASP B 104 -38.74 13.21 1.89
N TYR B 105 -38.80 12.77 0.64
CA TYR B 105 -39.02 11.35 0.34
C TYR B 105 -37.98 10.86 -0.63
N TRP B 106 -37.51 9.64 -0.39
CA TRP B 106 -36.40 9.07 -1.12
C TRP B 106 -36.78 7.74 -1.70
N GLY B 107 -36.13 7.33 -2.78
CA GLY B 107 -36.25 5.96 -3.24
C GLY B 107 -35.43 5.08 -2.34
N GLU B 108 -35.58 3.76 -2.49
CA GLU B 108 -34.87 2.80 -1.65
C GLU B 108 -33.41 2.59 -2.06
N GLY B 109 -33.03 3.14 -3.20
CA GLY B 109 -31.67 3.04 -3.67
C GLY B 109 -31.61 1.95 -4.70
N THR B 110 -30.80 2.18 -5.73
CA THR B 110 -30.41 1.14 -6.67
C THR B 110 -28.88 0.93 -6.68
N LEU B 111 -28.53 -0.32 -6.51
CA LEU B 111 -27.16 -0.82 -6.57
C LEU B 111 -26.62 -1.07 -7.96
N LEU B 112 -25.45 -0.54 -8.27
CA LEU B 112 -24.79 -0.83 -9.51
C LEU B 112 -23.44 -1.47 -9.28
N THR B 113 -23.23 -2.62 -9.92
CA THR B 113 -21.91 -3.24 -9.98
C THR B 113 -21.47 -3.33 -11.42
N VAL B 114 -20.29 -2.77 -11.71
CA VAL B 114 -19.66 -2.90 -13.04
C VAL B 114 -18.48 -3.84 -12.90
N SER B 115 -18.50 -4.97 -13.62
CA SER B 115 -17.41 -5.94 -13.57
C SER B 115 -17.38 -6.81 -14.80
N SER B 116 -16.21 -7.27 -15.19
CA SER B 116 -16.08 -8.25 -16.26
C SER B 116 -16.15 -9.70 -15.82
N ALA B 117 -16.21 -9.98 -14.53
CA ALA B 117 -16.23 -11.34 -14.03
C ALA B 117 -17.44 -12.09 -14.56
N LYS B 118 -17.33 -13.39 -14.74
CA LYS B 118 -18.46 -14.26 -15.04
C LYS B 118 -18.93 -14.92 -13.75
N THR B 119 -20.14 -15.44 -13.74
CA THR B 119 -20.64 -16.17 -12.56
C THR B 119 -19.64 -17.25 -12.23
N THR B 120 -19.31 -17.40 -10.95
CA THR B 120 -18.27 -18.30 -10.51
C THR B 120 -18.66 -18.70 -9.12
N PRO B 121 -18.80 -19.99 -8.89
CA PRO B 121 -19.23 -20.51 -7.60
C PRO B 121 -18.11 -20.46 -6.60
N PRO B 122 -18.45 -20.31 -5.31
CA PRO B 122 -17.40 -20.22 -4.29
C PRO B 122 -16.72 -21.52 -4.03
N SER B 123 -15.46 -21.50 -3.63
CA SER B 123 -14.92 -22.64 -2.93
C SER B 123 -15.12 -22.38 -1.48
N VAL B 124 -15.47 -23.41 -0.73
CA VAL B 124 -15.69 -23.28 0.67
C VAL B 124 -14.68 -24.12 1.36
N TYR B 125 -13.87 -23.51 2.23
CA TYR B 125 -12.94 -24.25 3.05
C TYR B 125 -13.22 -24.13 4.53
N PRO B 126 -13.04 -25.25 5.24
CA PRO B 126 -13.30 -25.31 6.67
C PRO B 126 -12.07 -24.87 7.39
N LEU B 127 -12.23 -24.13 8.48
CA LEU B 127 -11.15 -23.62 9.30
C LEU B 127 -11.23 -24.24 10.67
N ALA B 128 -10.51 -25.34 10.85
CA ALA B 128 -10.43 -26.01 12.15
C ALA B 128 -9.13 -25.57 12.74
N PRO B 129 -9.07 -25.47 14.05
CA PRO B 129 -7.75 -25.25 14.63
C PRO B 129 -6.82 -26.49 14.55
N GLY B 130 -5.50 -26.19 14.54
CA GLY B 130 -4.37 -27.14 14.73
C GLY B 130 -3.86 -27.60 16.12
N SER B 131 -4.50 -27.16 17.25
CA SER B 131 -4.34 -27.76 18.66
C SER B 131 -4.11 -26.85 19.93
N ALA B 132 -3.54 -25.64 19.77
CA ALA B 132 -3.49 -24.61 20.89
C ALA B 132 -4.92 -24.18 21.45
N ALA B 133 -5.99 -24.75 20.82
CA ALA B 133 -7.44 -24.57 21.20
C ALA B 133 -8.06 -25.72 22.09
N GLN B 134 -7.84 -27.00 21.70
CA GLN B 134 -8.12 -28.22 22.53
C GLN B 134 -8.23 -27.97 24.07
N THR B 135 -7.21 -27.29 24.65
CA THR B 135 -7.20 -26.88 26.13
C THR B 135 -8.42 -26.01 26.59
N ASN B 136 -8.79 -25.01 25.78
CA ASN B 136 -9.70 -23.89 26.16
C ASN B 136 -11.14 -24.33 26.45
N SER B 137 -11.98 -23.43 26.99
CA SER B 137 -13.36 -23.79 27.27
C SER B 137 -14.27 -23.39 26.10
N MET B 138 -13.92 -22.31 25.39
CA MET B 138 -14.57 -21.97 24.12
C MET B 138 -13.59 -22.22 22.96
N VAL B 139 -14.11 -22.68 21.83
CA VAL B 139 -13.31 -22.88 20.61
C VAL B 139 -13.88 -22.11 19.44
N THR B 140 -13.02 -21.48 18.65
CA THR B 140 -13.48 -20.75 17.49
C THR B 140 -13.26 -21.58 16.28
N LEU B 141 -14.28 -21.69 15.45
CA LEU B 141 -14.16 -22.37 14.20
C LEU B 141 -14.45 -21.39 13.11
N GLY B 142 -14.18 -21.81 11.88
CA GLY B 142 -14.31 -20.90 10.74
C GLY B 142 -14.77 -21.54 9.44
N CYS B 143 -15.17 -20.69 8.52
CA CYS B 143 -15.54 -21.08 7.21
C CYS B 143 -15.07 -20.00 6.24
N LEU B 144 -14.27 -20.38 5.24
CA LEU B 144 -13.69 -19.45 4.30
C LEU B 144 -14.33 -19.64 2.94
N VAL B 145 -15.00 -18.61 2.47
CA VAL B 145 -15.77 -18.74 1.28
C VAL B 145 -15.08 -17.92 0.23
N LYS B 146 -14.44 -18.54 -0.78
CA LYS B 146 -13.70 -17.68 -1.68
C LYS B 146 -13.66 -17.94 -3.16
N GLY B 147 -13.36 -16.85 -3.87
CA GLY B 147 -13.31 -16.81 -5.31
C GLY B 147 -14.63 -16.85 -5.96
N TYR B 148 -15.64 -16.14 -5.44
CA TYR B 148 -17.00 -16.16 -6.02
C TYR B 148 -17.43 -14.87 -6.77
N PHE B 149 -18.47 -14.96 -7.60
CA PHE B 149 -19.03 -13.80 -8.29
C PHE B 149 -20.38 -14.11 -8.87
N PRO B 150 -21.35 -13.24 -8.64
CA PRO B 150 -21.30 -11.99 -7.90
C PRO B 150 -21.81 -12.18 -6.49
N GLU B 151 -21.87 -11.08 -5.76
CA GLU B 151 -22.53 -11.08 -4.45
C GLU B 151 -23.98 -11.30 -4.69
N PRO B 152 -24.72 -11.80 -3.70
CA PRO B 152 -24.29 -12.22 -2.38
C PRO B 152 -24.13 -13.75 -2.19
N VAL B 153 -23.58 -14.14 -1.08
CA VAL B 153 -23.51 -15.50 -0.66
C VAL B 153 -24.21 -15.52 0.72
N THR B 154 -24.89 -16.60 1.08
CA THR B 154 -25.49 -16.73 2.41
C THR B 154 -24.68 -17.74 3.13
N VAL B 155 -24.23 -17.45 4.35
CA VAL B 155 -23.56 -18.44 5.18
C VAL B 155 -24.37 -18.59 6.42
N THR B 156 -24.48 -19.82 6.90
CA THR B 156 -25.14 -20.13 8.14
C THR B 156 -24.43 -21.28 8.78
N TRP B 157 -24.80 -21.60 9.97
CA TRP B 157 -24.19 -22.67 10.67
C TRP B 157 -25.26 -23.55 11.29
N ASN B 158 -25.02 -24.87 11.25
CA ASN B 158 -25.99 -25.88 11.54
C ASN B 158 -27.38 -25.48 11.02
N SER B 159 -27.48 -25.16 9.73
CA SER B 159 -28.77 -24.78 9.13
C SER B 159 -29.55 -23.59 9.81
N GLY B 160 -28.91 -22.75 10.63
CA GLY B 160 -29.62 -21.70 11.39
C GLY B 160 -29.58 -21.92 12.90
N SER B 161 -29.58 -23.18 13.31
CA SER B 161 -29.49 -23.55 14.74
C SER B 161 -28.46 -22.79 15.56
N LEU B 162 -27.29 -22.47 15.00
CA LEU B 162 -26.27 -21.75 15.78
C LEU B 162 -26.32 -20.33 15.26
N SER B 163 -26.84 -19.42 16.07
CA SER B 163 -26.92 -18.00 15.72
C SER B 163 -26.11 -17.19 16.64
N SER B 164 -25.95 -17.55 17.90
CA SER B 164 -25.11 -16.67 18.72
C SER B 164 -23.66 -17.11 18.57
N GLY B 165 -22.77 -16.15 18.79
CA GLY B 165 -21.34 -16.38 18.62
C GLY B 165 -20.85 -16.42 17.17
N VAL B 166 -21.73 -16.08 16.21
CA VAL B 166 -21.41 -16.00 14.78
C VAL B 166 -20.99 -14.61 14.37
N HIS B 167 -19.87 -14.49 13.65
CA HIS B 167 -19.52 -13.25 12.95
C HIS B 167 -19.36 -13.60 11.48
N THR B 168 -20.06 -12.92 10.61
CA THR B 168 -19.84 -13.11 9.19
C THR B 168 -19.33 -11.80 8.62
N PHE B 169 -18.19 -11.81 7.96
CA PHE B 169 -17.53 -10.60 7.56
C PHE B 169 -17.82 -10.22 6.08
N PRO B 170 -17.97 -8.91 5.83
CA PRO B 170 -18.11 -8.39 4.50
C PRO B 170 -17.09 -8.91 3.52
N ALA B 171 -17.56 -9.15 2.30
CA ALA B 171 -16.76 -9.67 1.20
C ALA B 171 -15.84 -8.57 0.77
N VAL B 172 -14.64 -8.96 0.39
CA VAL B 172 -13.70 -8.04 -0.23
C VAL B 172 -13.41 -8.53 -1.64
N LEU B 173 -13.03 -7.61 -2.52
CA LEU B 173 -12.77 -7.91 -3.90
C LEU B 173 -11.27 -8.10 -4.08
N GLN B 174 -10.88 -9.17 -4.73
CA GLN B 174 -9.49 -9.26 -5.16
C GLN B 174 -9.44 -10.10 -6.42
N SER B 175 -8.79 -9.54 -7.43
CA SER B 175 -8.70 -10.15 -8.72
C SER B 175 -10.10 -10.38 -9.32
N ASP B 176 -11.03 -9.44 -9.08
CA ASP B 176 -12.36 -9.44 -9.66
C ASP B 176 -13.33 -10.36 -8.98
N LEU B 177 -12.88 -11.13 -8.00
CA LEU B 177 -13.76 -12.07 -7.31
C LEU B 177 -13.82 -11.76 -5.82
N TYR B 178 -14.82 -12.30 -5.15
CA TYR B 178 -15.01 -12.08 -3.73
C TYR B 178 -14.54 -13.20 -2.80
N THR B 179 -14.23 -12.80 -1.57
CA THR B 179 -13.82 -13.72 -0.52
C THR B 179 -14.43 -13.20 0.75
N LEU B 180 -14.95 -14.10 1.56
CA LEU B 180 -15.63 -13.76 2.80
C LEU B 180 -15.37 -14.87 3.75
N SER B 181 -15.59 -14.61 5.00
CA SER B 181 -15.40 -15.64 5.99
C SER B 181 -16.33 -15.40 7.16
N SER B 182 -16.46 -16.44 7.97
CA SER B 182 -17.40 -16.47 9.06
C SER B 182 -16.82 -17.27 10.19
N SER B 183 -16.88 -16.73 11.40
CA SER B 183 -16.45 -17.48 12.55
C SER B 183 -17.64 -17.87 13.41
N VAL B 184 -17.48 -18.99 14.08
CA VAL B 184 -18.38 -19.35 15.14
C VAL B 184 -17.62 -19.78 16.36
N THR B 185 -18.08 -19.31 17.50
CA THR B 185 -17.52 -19.74 18.78
C THR B 185 -18.48 -20.66 19.51
N VAL B 186 -18.02 -21.85 19.84
CA VAL B 186 -18.85 -22.83 20.55
C VAL B 186 -18.12 -23.40 21.75
N PRO B 187 -18.88 -23.83 22.76
CA PRO B 187 -18.18 -24.40 23.92
C PRO B 187 -17.46 -25.67 23.52
N SER B 188 -16.25 -25.78 24.04
CA SER B 188 -15.37 -26.95 23.86
C SER B 188 -15.98 -28.29 24.26
N SER B 189 -16.94 -28.24 25.15
CA SER B 189 -17.73 -29.40 25.49
C SER B 189 -18.49 -29.90 24.25
N THR B 190 -18.87 -29.04 23.31
CA THR B 190 -19.76 -29.55 22.25
C THR B 190 -19.10 -29.78 20.88
N TRP B 191 -17.78 -29.66 20.80
CA TRP B 191 -17.05 -29.89 19.57
C TRP B 191 -15.74 -30.52 19.93
N PRO B 192 -15.33 -31.56 19.19
CA PRO B 192 -15.99 -32.32 18.12
C PRO B 192 -17.20 -33.13 18.49
N SER B 193 -17.37 -33.41 19.77
CA SER B 193 -18.46 -34.23 20.25
C SER B 193 -19.66 -34.03 19.31
N GLU B 194 -20.24 -32.84 19.27
CA GLU B 194 -21.37 -32.59 18.37
C GLU B 194 -20.94 -31.93 17.07
N THR B 195 -21.83 -32.01 16.08
CA THR B 195 -21.46 -31.63 14.72
C THR B 195 -21.63 -30.12 14.52
N VAL B 196 -20.62 -29.47 13.95
CA VAL B 196 -20.78 -28.07 13.57
C VAL B 196 -20.57 -28.01 12.11
N THR B 197 -21.59 -27.58 11.40
CA THR B 197 -21.45 -27.51 9.98
C THR B 197 -21.83 -26.17 9.38
N CYS B 198 -20.95 -25.75 8.49
CA CYS B 198 -21.02 -24.55 7.70
C CYS B 198 -21.81 -24.72 6.38
N ASN B 199 -22.83 -23.88 6.15
CA ASN B 199 -23.68 -24.01 4.99
C ASN B 199 -23.60 -22.74 4.19
N VAL B 200 -23.26 -22.87 2.90
CA VAL B 200 -23.07 -21.75 2.01
C VAL B 200 -23.98 -21.88 0.80
N ALA B 201 -24.75 -20.86 0.49
CA ALA B 201 -25.60 -20.90 -0.67
C ALA B 201 -25.16 -19.71 -1.50
N HIS B 202 -25.01 -19.91 -2.81
CA HIS B 202 -24.68 -18.84 -3.75
C HIS B 202 -25.73 -18.86 -4.83
N PRO B 203 -26.80 -18.14 -4.60
CA PRO B 203 -27.88 -18.27 -5.58
C PRO B 203 -27.49 -18.00 -7.01
N ALA B 204 -26.70 -16.99 -7.32
CA ALA B 204 -26.32 -16.73 -8.72
C ALA B 204 -25.84 -17.97 -9.46
N SER B 205 -25.03 -18.82 -8.84
CA SER B 205 -24.51 -20.03 -9.49
C SER B 205 -25.33 -21.26 -9.17
N SER B 206 -26.44 -21.05 -8.45
CA SER B 206 -27.27 -22.15 -7.95
C SER B 206 -26.46 -23.22 -7.25
N THR B 207 -25.70 -22.82 -6.25
CA THR B 207 -24.87 -23.77 -5.55
C THR B 207 -25.11 -23.73 -4.06
N LYS B 208 -25.22 -24.90 -3.46
CA LYS B 208 -25.16 -25.02 -2.03
C LYS B 208 -24.07 -26.01 -1.66
N VAL B 209 -23.30 -25.65 -0.65
CA VAL B 209 -22.29 -26.52 -0.11
C VAL B 209 -22.50 -26.62 1.38
N ASP B 210 -22.35 -27.82 1.93
CA ASP B 210 -22.29 -28.02 3.36
C ASP B 210 -20.93 -28.61 3.66
N LYS B 211 -20.20 -28.02 4.61
CA LYS B 211 -18.93 -28.51 5.09
C LYS B 211 -18.97 -28.68 6.56
N LYS B 212 -18.68 -29.85 7.07
CA LYS B 212 -18.57 -30.07 8.48
C LYS B 212 -17.11 -29.78 8.91
N ILE B 213 -16.98 -29.09 10.04
CA ILE B 213 -15.69 -28.72 10.55
C ILE B 213 -15.22 -29.91 11.36
N VAL B 214 -14.10 -30.49 10.96
CA VAL B 214 -13.53 -31.63 11.68
C VAL B 214 -12.11 -31.30 12.11
N PRO B 215 -11.67 -31.85 13.23
CA PRO B 215 -10.31 -31.66 13.67
C PRO B 215 -9.30 -32.06 12.61
N ARG B 216 -8.08 -31.61 12.75
CA ARG B 216 -7.00 -31.98 11.84
C ARG B 216 -6.16 -33.06 12.53
N ASP C 1 19.89 7.96 23.07
CA ASP C 1 20.54 8.00 21.72
C ASP C 1 20.50 9.42 21.18
N ILE C 2 21.65 9.97 20.80
CA ILE C 2 21.66 11.24 20.08
C ILE C 2 21.18 11.03 18.64
N LEU C 3 20.10 11.71 18.26
CA LEU C 3 19.65 11.68 16.90
C LEU C 3 20.45 12.74 16.19
N MET C 4 20.77 12.47 14.93
CA MET C 4 21.44 13.38 14.04
C MET C 4 20.48 13.63 12.91
N THR C 5 20.03 14.87 12.73
CA THR C 5 19.11 15.20 11.62
C THR C 5 19.82 16.06 10.62
N GLN C 6 19.97 15.51 9.42
CA GLN C 6 20.54 16.19 8.29
C GLN C 6 19.39 16.80 7.47
N THR C 7 19.59 18.03 6.97
CA THR C 7 18.68 18.68 6.02
C THR C 7 19.50 19.48 5.05
N PRO C 8 19.15 19.42 3.77
CA PRO C 8 18.07 18.63 3.22
C PRO C 8 18.50 17.17 3.11
N LEU C 9 17.57 16.30 2.71
CA LEU C 9 17.85 14.89 2.44
C LEU C 9 18.29 14.70 0.99
N SER C 10 17.91 15.63 0.14
CA SER C 10 18.41 15.62 -1.26
C SER C 10 18.74 17.05 -1.61
N LEU C 11 19.72 17.23 -2.52
CA LEU C 11 20.20 18.54 -2.91
C LEU C 11 20.75 18.49 -4.30
N PRO C 12 19.96 19.01 -5.24
CA PRO C 12 20.42 19.15 -6.60
C PRO C 12 21.38 20.32 -6.76
N VAL C 13 22.49 20.15 -7.48
CA VAL C 13 23.39 21.25 -7.70
C VAL C 13 24.09 21.18 -9.05
N SER C 14 24.50 22.34 -9.58
CA SER C 14 25.24 22.35 -10.85
C SER C 14 26.71 22.36 -10.58
N LEU C 15 27.46 21.66 -11.43
CA LEU C 15 28.89 21.59 -11.29
C LEU C 15 29.42 23.01 -11.04
N GLY C 16 30.28 23.18 -10.05
CA GLY C 16 30.93 24.43 -9.83
C GLY C 16 30.19 25.39 -8.93
N ASP C 17 28.91 25.16 -8.66
CA ASP C 17 28.32 26.01 -7.67
C ASP C 17 28.51 25.41 -6.22
N GLN C 18 27.75 25.86 -5.25
CA GLN C 18 28.25 25.73 -3.89
C GLN C 18 27.14 25.23 -3.04
N ALA C 19 27.43 24.20 -2.24
CA ALA C 19 26.38 23.45 -1.55
C ALA C 19 26.56 23.53 -0.05
N SER C 20 25.48 23.39 0.70
CA SER C 20 25.57 23.41 2.17
C SER C 20 24.64 22.43 2.83
N ILE C 21 25.21 21.50 3.62
CA ILE C 21 24.40 20.51 4.32
C ILE C 21 24.41 20.86 5.79
N SER C 22 23.22 20.94 6.36
CA SER C 22 23.08 21.17 7.77
C SER C 22 22.91 19.84 8.49
N CYS C 23 23.44 19.74 9.69
CA CYS C 23 23.35 18.53 10.49
C CYS C 23 23.21 18.94 11.95
N ARG C 24 22.19 18.41 12.60
CA ARG C 24 21.77 18.90 13.89
C ARG C 24 21.58 17.78 14.93
N SER C 25 22.24 17.85 16.07
CA SER C 25 22.14 16.75 17.04
C SER C 25 21.07 16.99 18.07
N SER C 26 20.39 15.92 18.43
CA SER C 26 19.29 15.97 19.40
C SER C 26 19.73 16.28 20.82
N GLN C 27 20.99 16.61 21.02
CA GLN C 27 21.51 16.84 22.35
C GLN C 27 22.99 17.16 22.20
N SER C 28 23.58 17.84 23.17
CA SER C 28 24.98 18.32 23.01
C SER C 28 25.97 17.18 22.74
N ILE C 29 26.91 17.41 21.83
CA ILE C 29 27.90 16.37 21.51
C ILE C 29 29.33 16.86 21.86
N VAL C 30 29.39 17.60 22.95
CA VAL C 30 30.69 17.86 23.59
C VAL C 30 30.99 16.71 24.56
N HIS C 31 32.08 16.00 24.27
CA HIS C 31 32.52 14.85 25.08
C HIS C 31 32.97 15.45 26.41
N SER C 32 32.93 14.61 27.47
CA SER C 32 33.42 15.00 28.82
C SER C 32 34.81 15.58 28.66
N ASN C 33 35.67 14.90 27.89
CA ASN C 33 37.05 15.40 27.68
C ASN C 33 37.14 16.77 26.98
N GLY C 34 36.01 17.45 26.76
CA GLY C 34 36.03 18.81 26.18
C GLY C 34 36.02 18.94 24.65
N ASN C 35 36.52 17.93 23.90
CA ASN C 35 36.38 17.86 22.41
C ASN C 35 34.93 17.59 21.89
N THR C 36 34.70 17.97 20.63
CA THR C 36 33.48 17.61 19.87
C THR C 36 33.82 16.66 18.72
N TYR C 37 33.32 15.42 18.84
CA TYR C 37 33.58 14.39 17.82
C TYR C 37 32.44 14.37 16.83
N LEU C 38 32.43 15.38 15.97
CA LEU C 38 31.50 15.42 14.87
C LEU C 38 32.29 15.24 13.58
N GLU C 39 31.80 14.38 12.71
CA GLU C 39 32.56 14.00 11.53
C GLU C 39 31.64 13.95 10.31
N TRP C 40 32.21 14.05 9.12
CA TRP C 40 31.47 13.95 7.87
C TRP C 40 32.09 12.87 7.01
N TYR C 41 31.25 12.05 6.40
CA TYR C 41 31.66 11.00 5.48
C TYR C 41 30.90 11.17 4.18
N LEU C 42 31.55 10.77 3.09
CA LEU C 42 30.97 10.71 1.75
C LEU C 42 30.98 9.25 1.33
N GLN C 43 29.85 8.75 0.81
CA GLN C 43 29.78 7.41 0.22
C GLN C 43 29.34 7.47 -1.20
N LYS C 44 30.21 7.05 -2.12
CA LYS C 44 29.80 6.92 -3.51
C LYS C 44 29.15 5.52 -3.60
N PRO C 45 28.26 5.33 -4.60
CA PRO C 45 27.50 4.06 -4.75
C PRO C 45 28.39 2.81 -4.80
N GLY C 46 27.95 1.79 -4.06
CA GLY C 46 28.70 0.54 -3.97
C GLY C 46 30.12 0.73 -3.54
N GLN C 47 30.32 1.55 -2.49
CA GLN C 47 31.66 1.79 -1.93
C GLN C 47 31.52 2.05 -0.45
N SER C 48 32.65 1.95 0.23
CA SER C 48 32.69 2.28 1.63
C SER C 48 32.62 3.80 1.80
N PRO C 49 32.10 4.24 2.92
CA PRO C 49 32.23 5.63 3.21
C PRO C 49 33.68 6.01 3.41
N THR C 50 33.92 7.31 3.31
CA THR C 50 35.24 7.86 3.23
C THR C 50 35.21 9.16 4.02
N LEU C 51 36.14 9.25 4.98
CA LEU C 51 36.19 10.31 5.97
C LEU C 51 36.57 11.60 5.29
N LEU C 52 35.86 12.69 5.60
CA LEU C 52 36.18 14.00 5.04
C LEU C 52 36.65 14.98 6.13
N ILE C 53 35.81 15.12 7.17
CA ILE C 53 36.04 16.10 8.23
C ILE C 53 35.83 15.47 9.57
N TYR C 54 36.73 15.76 10.49
CA TYR C 54 36.62 15.30 11.87
C TYR C 54 36.92 16.42 12.85
N LYS C 55 36.49 16.23 14.08
CA LYS C 55 36.45 17.28 15.10
C LYS C 55 35.86 18.58 14.55
N VAL C 56 34.69 18.46 13.93
CA VAL C 56 33.89 19.58 13.44
C VAL C 56 34.45 20.19 12.18
N SER C 57 35.74 20.46 12.12
CA SER C 57 36.24 21.36 11.05
C SER C 57 37.59 21.01 10.44
N ASN C 58 38.20 19.91 10.90
CA ASN C 58 39.52 19.45 10.41
C ASN C 58 39.38 18.57 9.20
N ARG C 59 40.04 18.96 8.12
CA ARG C 59 40.04 18.16 6.89
C ARG C 59 40.93 16.94 7.08
N PHE C 60 40.48 15.82 6.56
CA PHE C 60 41.29 14.63 6.65
C PHE C 60 42.24 14.68 5.48
N SER C 61 43.46 14.21 5.68
CA SER C 61 44.48 14.25 4.61
C SER C 61 43.99 13.70 3.27
N GLY C 62 44.32 14.41 2.20
CA GLY C 62 43.88 14.06 0.85
C GLY C 62 42.62 14.81 0.45
N VAL C 63 41.87 15.31 1.45
CA VAL C 63 40.58 15.95 1.17
C VAL C 63 40.78 17.38 0.69
N PRO C 64 40.30 17.69 -0.50
CA PRO C 64 40.42 19.05 -1.04
C PRO C 64 39.97 20.17 -0.11
N ASP C 65 40.53 21.36 -0.34
CA ASP C 65 40.19 22.50 0.50
C ASP C 65 38.79 23.07 0.20
N ARG C 66 38.19 22.63 -0.89
CA ARG C 66 36.84 23.13 -1.15
C ARG C 66 35.81 22.68 -0.12
N PHE C 67 36.10 21.58 0.58
CA PHE C 67 35.27 21.17 1.74
C PHE C 67 35.65 21.90 3.00
N SER C 68 34.65 22.24 3.80
CA SER C 68 34.92 22.84 5.08
C SER C 68 33.72 22.66 6.01
N GLY C 69 33.98 22.46 7.29
CA GLY C 69 32.91 22.19 8.23
C GLY C 69 32.89 23.22 9.33
N SER C 70 31.79 23.35 10.03
CA SER C 70 31.71 24.34 11.06
C SER C 70 30.52 24.09 11.95
N GLY C 71 30.43 24.85 13.05
CA GLY C 71 29.34 24.70 14.02
C GLY C 71 29.84 24.41 15.43
N SER C 72 28.88 24.24 16.34
CA SER C 72 29.13 23.96 17.75
C SER C 72 27.83 23.55 18.35
N GLY C 73 27.88 23.10 19.61
CA GLY C 73 26.69 22.73 20.32
C GLY C 73 26.03 21.56 19.63
N THR C 74 24.90 21.84 18.99
CA THR C 74 24.07 20.80 18.40
C THR C 74 23.80 21.14 16.94
N ASP C 75 24.65 21.98 16.36
CA ASP C 75 24.33 22.65 15.09
C ASP C 75 25.54 22.83 14.18
N PHE C 76 25.61 22.02 13.14
CA PHE C 76 26.82 21.92 12.32
C PHE C 76 26.56 22.07 10.83
N THR C 77 27.57 22.47 10.08
CA THR C 77 27.41 22.67 8.65
C THR C 77 28.61 22.18 7.89
N LEU C 78 28.36 21.46 6.79
CA LEU C 78 29.41 21.13 5.82
C LEU C 78 29.15 22.00 4.62
N LYS C 79 30.21 22.57 4.07
CA LYS C 79 30.09 23.44 2.91
C LYS C 79 31.01 22.95 1.83
N ILE C 80 30.51 22.94 0.60
CA ILE C 80 31.37 22.62 -0.54
C ILE C 80 31.34 23.88 -1.34
N SER C 81 32.50 24.48 -1.53
CA SER C 81 32.57 25.81 -2.07
C SER C 81 32.46 25.73 -3.57
N ARG C 82 32.90 24.60 -4.16
CA ARG C 82 32.81 24.47 -5.62
C ARG C 82 32.63 23.04 -6.02
N VAL C 83 31.39 22.67 -6.36
CA VAL C 83 31.07 21.27 -6.58
C VAL C 83 31.71 20.65 -7.84
N GLU C 84 32.24 19.43 -7.72
CA GLU C 84 32.88 18.76 -8.86
C GLU C 84 32.28 17.41 -9.05
N ALA C 85 32.46 16.82 -10.23
CA ALA C 85 31.87 15.49 -10.57
C ALA C 85 32.09 14.47 -9.45
N GLU C 86 33.34 14.35 -9.04
CA GLU C 86 33.76 13.38 -8.03
C GLU C 86 33.11 13.58 -6.64
N ASP C 87 32.49 14.76 -6.41
CA ASP C 87 31.82 15.08 -5.13
C ASP C 87 30.39 14.56 -5.03
N LEU C 88 29.83 14.04 -6.11
CA LEU C 88 28.45 13.51 -6.05
C LEU C 88 28.36 12.15 -5.31
N GLY C 89 27.44 12.05 -4.37
CA GLY C 89 27.28 10.84 -3.57
C GLY C 89 26.38 11.18 -2.40
N VAL C 90 26.53 10.43 -1.30
CA VAL C 90 25.78 10.65 -0.09
C VAL C 90 26.67 11.04 1.08
N TYR C 91 26.27 12.10 1.76
CA TYR C 91 27.00 12.68 2.83
C TYR C 91 26.26 12.31 4.10
N TYR C 92 26.98 11.77 5.07
CA TYR C 92 26.45 11.52 6.38
C TYR C 92 27.25 12.34 7.37
N CYS C 93 26.59 12.86 8.40
CA CYS C 93 27.29 13.37 9.55
C CYS C 93 27.21 12.34 10.67
N PHE C 94 28.16 12.45 11.60
CA PHE C 94 28.43 11.42 12.57
C PHE C 94 28.84 11.99 13.89
N GLN C 95 28.48 11.26 14.93
CA GLN C 95 28.66 11.67 16.30
C GLN C 95 29.36 10.53 17.05
N GLY C 96 30.54 10.85 17.58
CA GLY C 96 31.32 9.88 18.33
C GLY C 96 31.55 10.25 19.77
N SER C 97 30.67 11.10 20.32
CA SER C 97 30.83 11.65 21.67
C SER C 97 30.01 10.88 22.71
N HIS C 98 28.95 10.20 22.29
CA HIS C 98 28.08 9.49 23.20
C HIS C 98 27.82 8.11 22.63
N ILE C 99 27.87 7.07 23.48
CA ILE C 99 27.50 5.74 23.05
C ILE C 99 26.00 5.65 23.15
N PRO C 100 25.31 4.93 22.24
CA PRO C 100 25.81 4.37 20.98
C PRO C 100 26.24 5.45 20.01
N LEU C 101 27.28 5.19 19.21
CA LEU C 101 27.65 6.08 18.10
C LEU C 101 26.55 6.10 17.01
N THR C 102 26.33 7.27 16.43
CA THR C 102 25.17 7.45 15.54
C THR C 102 25.43 8.36 14.36
N PHE C 103 24.75 8.07 13.26
CA PHE C 103 24.84 8.76 12.01
C PHE C 103 23.52 9.43 11.74
N GLY C 104 23.54 10.43 10.87
CA GLY C 104 22.32 10.97 10.25
C GLY C 104 21.87 10.07 9.12
N ALA C 105 20.71 10.40 8.56
CA ALA C 105 20.08 9.61 7.53
C ALA C 105 20.85 9.66 6.21
N GLY C 106 21.51 10.79 5.94
CA GLY C 106 22.17 10.99 4.66
C GLY C 106 21.58 12.14 3.85
N THR C 107 22.39 12.72 2.98
CA THR C 107 21.95 13.77 2.08
C THR C 107 22.51 13.45 0.73
N LYS C 108 21.63 13.20 -0.23
CA LYS C 108 22.09 12.80 -1.54
C LYS C 108 22.27 14.08 -2.36
N LEU C 109 23.44 14.21 -2.97
CA LEU C 109 23.78 15.32 -3.81
C LEU C 109 23.69 14.79 -5.25
N GLU C 110 22.83 15.42 -6.07
CA GLU C 110 22.66 15.07 -7.49
C GLU C 110 22.99 16.24 -8.44
N VAL C 111 23.34 15.93 -9.71
CA VAL C 111 23.61 16.99 -10.70
C VAL C 111 22.24 17.50 -11.15
N LYS C 112 22.06 18.80 -11.04
CA LYS C 112 20.93 19.51 -11.60
C LYS C 112 21.12 19.55 -13.14
N ARG C 113 20.01 19.52 -13.84
CA ARG C 113 20.00 19.62 -15.28
C ARG C 113 18.60 20.08 -15.70
N SER C 114 18.41 20.31 -16.96
CA SER C 114 17.13 20.79 -17.43
C SER C 114 16.09 19.68 -17.44
N ASP C 115 14.90 20.07 -17.00
CA ASP C 115 13.71 19.33 -17.18
C ASP C 115 13.59 18.57 -18.53
N ALA C 116 13.31 17.28 -18.41
CA ALA C 116 13.13 16.39 -19.54
C ALA C 116 11.87 15.56 -19.29
N ALA C 117 10.99 15.49 -20.29
CA ALA C 117 9.76 14.66 -20.26
C ALA C 117 10.13 13.22 -20.57
N PRO C 118 9.48 12.27 -19.88
CA PRO C 118 9.79 10.85 -20.09
C PRO C 118 9.27 10.34 -21.41
N THR C 119 10.05 9.48 -22.08
CA THR C 119 9.50 8.60 -23.10
C THR C 119 8.91 7.36 -22.41
N VAL C 120 7.62 7.16 -22.65
CA VAL C 120 6.84 6.09 -22.09
C VAL C 120 6.59 5.03 -23.18
N SER C 121 6.80 3.77 -22.83
CA SER C 121 6.43 2.67 -23.66
C SER C 121 5.72 1.66 -22.80
N ILE C 122 4.61 1.13 -23.33
CA ILE C 122 3.82 0.05 -22.71
C ILE C 122 3.98 -1.23 -23.55
N PHE C 123 4.02 -2.37 -22.87
CA PHE C 123 4.24 -3.65 -23.53
C PHE C 123 3.25 -4.68 -23.04
N PRO C 124 2.47 -5.26 -23.97
CA PRO C 124 1.62 -6.40 -23.61
C PRO C 124 2.41 -7.60 -23.23
N PRO C 125 1.81 -8.56 -22.53
CA PRO C 125 2.55 -9.77 -22.26
C PRO C 125 2.87 -10.50 -23.52
N SER C 126 4.03 -11.11 -23.55
CA SER C 126 4.36 -11.96 -24.67
C SER C 126 3.47 -13.16 -24.60
N SER C 127 3.18 -13.70 -25.77
CA SER C 127 2.55 -15.01 -25.88
C SER C 127 3.34 -16.11 -25.12
N GLU C 128 4.67 -16.05 -25.15
CA GLU C 128 5.46 -17.02 -24.41
C GLU C 128 5.10 -17.05 -22.93
N GLN C 129 4.87 -15.90 -22.29
CA GLN C 129 4.48 -15.82 -20.86
C GLN C 129 3.09 -16.38 -20.60
N LEU C 130 2.19 -15.95 -21.45
CA LEU C 130 0.80 -16.33 -21.39
C LEU C 130 0.71 -17.86 -21.36
N THR C 131 1.49 -18.52 -22.23
CA THR C 131 1.43 -19.98 -22.32
C THR C 131 1.91 -20.70 -21.02
N SER C 132 2.53 -20.01 -20.06
CA SER C 132 2.68 -20.56 -18.70
C SER C 132 1.82 -19.88 -17.61
N GLY C 133 0.70 -19.29 -18.01
CA GLY C 133 -0.33 -18.88 -17.02
C GLY C 133 -0.06 -17.65 -16.19
N GLY C 134 0.90 -16.81 -16.61
CA GLY C 134 1.12 -15.48 -16.03
C GLY C 134 1.00 -14.42 -17.11
N ALA C 135 0.78 -13.17 -16.68
CA ALA C 135 0.74 -12.00 -17.57
C ALA C 135 1.32 -10.79 -16.88
N SER C 136 2.44 -10.29 -17.41
CA SER C 136 3.10 -9.12 -16.87
C SER C 136 2.98 -8.01 -17.89
N VAL C 137 2.45 -6.87 -17.49
CA VAL C 137 2.37 -5.72 -18.40
C VAL C 137 3.44 -4.77 -17.92
N VAL C 138 4.29 -4.33 -18.85
CA VAL C 138 5.48 -3.57 -18.49
C VAL C 138 5.43 -2.20 -19.15
N CYS C 139 5.71 -1.19 -18.31
CA CYS C 139 5.74 0.21 -18.76
C CYS C 139 7.09 0.81 -18.47
N PHE C 140 7.75 1.33 -19.48
CA PHE C 140 9.03 2.00 -19.28
C PHE C 140 8.82 3.52 -19.32
N LEU C 141 9.30 4.23 -18.29
CA LEU C 141 9.32 5.68 -18.30
C LEU C 141 10.80 6.13 -18.35
N ASN C 142 11.28 6.49 -19.54
CA ASN C 142 12.70 6.72 -19.76
C ASN C 142 13.17 8.15 -19.92
N ASN C 143 14.38 8.38 -19.39
CA ASN C 143 15.14 9.61 -19.50
C ASN C 143 14.40 10.89 -19.14
N PHE C 144 13.82 10.95 -17.97
CA PHE C 144 13.16 12.15 -17.49
C PHE C 144 13.98 12.84 -16.39
N TYR C 145 13.68 14.12 -16.19
CA TYR C 145 14.20 14.88 -15.06
C TYR C 145 13.23 15.99 -14.78
N PRO C 146 12.90 16.28 -13.53
CA PRO C 146 13.39 15.71 -12.30
C PRO C 146 12.74 14.31 -11.95
N LYS C 147 13.23 13.67 -10.88
CA LYS C 147 12.84 12.33 -10.48
C LYS C 147 11.40 12.26 -9.96
N ASP C 148 10.84 13.38 -9.51
CA ASP C 148 9.47 13.33 -8.95
C ASP C 148 8.51 12.93 -10.05
N ILE C 149 8.02 11.70 -9.99
CA ILE C 149 7.10 11.16 -11.00
C ILE C 149 6.01 10.29 -10.38
N ASN C 150 4.80 10.40 -10.91
CA ASN C 150 3.70 9.50 -10.55
C ASN C 150 3.22 8.57 -11.63
N VAL C 151 3.22 7.26 -11.38
CA VAL C 151 2.71 6.32 -12.35
C VAL C 151 1.49 5.80 -11.71
N LYS C 152 0.46 5.61 -12.50
CA LYS C 152 -0.79 5.07 -12.08
C LYS C 152 -1.15 4.08 -13.19
N TRP C 153 -1.75 2.93 -12.86
CA TRP C 153 -2.30 2.02 -13.90
C TRP C 153 -3.80 1.99 -13.86
N LYS C 154 -4.42 1.85 -15.01
CA LYS C 154 -5.85 1.72 -15.10
C LYS C 154 -6.18 0.48 -15.92
N ILE C 155 -7.02 -0.38 -15.38
CA ILE C 155 -7.52 -1.57 -16.09
C ILE C 155 -8.98 -1.29 -16.31
N ASP C 156 -9.36 -1.30 -17.56
CA ASP C 156 -10.71 -0.94 -17.98
C ASP C 156 -11.17 0.39 -17.39
N GLY C 157 -10.34 1.41 -17.44
CA GLY C 157 -10.74 2.70 -16.97
C GLY C 157 -10.68 2.92 -15.47
N SER C 158 -10.28 1.94 -14.68
CA SER C 158 -10.30 2.08 -13.21
C SER C 158 -8.90 1.81 -12.66
N GLU C 159 -8.51 2.64 -11.70
CA GLU C 159 -7.20 2.57 -11.10
C GLU C 159 -6.99 1.20 -10.41
N ARG C 160 -5.75 0.71 -10.45
CA ARG C 160 -5.37 -0.58 -9.91
C ARG C 160 -4.09 -0.45 -9.07
N GLN C 161 -4.17 -0.69 -7.77
CA GLN C 161 -3.03 -0.48 -6.87
C GLN C 161 -2.19 -1.72 -6.65
N ASN C 162 -2.78 -2.88 -6.35
CA ASN C 162 -1.87 -4.00 -5.99
C ASN C 162 -1.48 -4.80 -7.22
N GLY C 163 -0.31 -5.44 -7.14
CA GLY C 163 0.30 -6.16 -8.25
C GLY C 163 1.35 -5.35 -9.00
N VAL C 164 1.56 -4.08 -8.58
CA VAL C 164 2.48 -3.18 -9.25
C VAL C 164 3.85 -3.19 -8.58
N LEU C 165 4.90 -3.41 -9.37
CA LEU C 165 6.29 -3.36 -8.94
C LEU C 165 7.03 -2.32 -9.74
N ASN C 166 7.63 -1.36 -9.02
CA ASN C 166 8.32 -0.24 -9.61
C ASN C 166 9.83 -0.28 -9.32
N SER C 167 10.64 0.10 -10.30
CA SER C 167 12.06 0.08 -10.17
C SER C 167 12.60 1.34 -10.80
N TRP C 168 13.47 2.03 -10.07
CA TRP C 168 14.16 3.23 -10.52
C TRP C 168 15.65 2.96 -10.71
N THR C 169 16.22 3.52 -11.78
CA THR C 169 17.67 3.57 -11.91
C THR C 169 18.09 4.85 -11.23
N ASP C 170 19.36 4.87 -10.81
CA ASP C 170 20.05 6.09 -10.40
C ASP C 170 20.26 7.08 -11.55
N GLN C 171 20.54 8.31 -11.17
CA GLN C 171 20.79 9.34 -12.13
C GLN C 171 21.81 8.90 -13.16
N ASP C 172 21.47 8.86 -14.42
CA ASP C 172 22.38 8.41 -15.45
C ASP C 172 23.61 9.29 -15.46
N SER C 173 24.78 8.67 -15.67
CA SER C 173 26.08 9.37 -15.62
C SER C 173 26.33 10.23 -16.89
N LYS C 174 25.89 9.77 -18.05
CA LYS C 174 26.08 10.54 -19.27
C LYS C 174 25.18 11.74 -19.21
N ASP C 175 23.86 11.52 -19.26
CA ASP C 175 22.90 12.64 -19.40
C ASP C 175 22.22 13.10 -18.11
N SER C 176 22.55 12.54 -16.95
CA SER C 176 21.94 12.98 -15.65
C SER C 176 20.41 12.86 -15.54
N THR C 177 19.82 12.02 -16.38
CA THR C 177 18.38 11.80 -16.34
C THR C 177 18.08 10.54 -15.46
N TYR C 178 16.85 10.41 -15.04
CA TYR C 178 16.36 9.23 -14.36
C TYR C 178 15.55 8.36 -15.36
N SER C 179 15.42 7.07 -15.03
CA SER C 179 14.51 6.16 -15.72
C SER C 179 13.82 5.21 -14.73
N MET C 180 12.67 4.69 -15.14
CA MET C 180 11.79 3.94 -14.27
C MET C 180 11.06 2.87 -15.02
N SER C 181 10.88 1.75 -14.34
CA SER C 181 10.14 0.63 -14.83
C SER C 181 8.95 0.36 -13.93
N SER C 182 7.72 0.28 -14.49
CA SER C 182 6.52 -0.21 -13.77
C SER C 182 5.90 -1.45 -14.42
N THR C 183 5.75 -2.50 -13.62
CA THR C 183 5.25 -3.80 -14.06
C THR C 183 4.03 -4.17 -13.27
N LEU C 184 2.96 -4.49 -14.00
CA LEU C 184 1.74 -4.98 -13.43
C LEU C 184 1.71 -6.47 -13.64
N THR C 185 1.64 -7.25 -12.55
CA THR C 185 1.61 -8.70 -12.69
C THR C 185 0.26 -9.28 -12.36
N LEU C 186 -0.29 -10.01 -13.30
CA LEU C 186 -1.62 -10.55 -13.28
C LEU C 186 -1.57 -12.04 -13.55
N THR C 187 -2.64 -12.75 -13.20
CA THR C 187 -2.73 -14.15 -13.54
C THR C 187 -3.22 -14.10 -14.99
N LYS C 188 -3.03 -15.18 -15.73
CA LYS C 188 -3.53 -15.20 -17.13
C LYS C 188 -5.05 -15.01 -17.21
N ASP C 189 -5.78 -15.67 -16.33
CA ASP C 189 -7.22 -15.60 -16.30
C ASP C 189 -7.65 -14.15 -16.17
N GLU C 190 -7.05 -13.49 -15.19
CA GLU C 190 -7.36 -12.13 -14.85
C GLU C 190 -7.05 -11.19 -16.01
N TYR C 191 -5.95 -11.41 -16.70
CA TYR C 191 -5.60 -10.58 -17.85
C TYR C 191 -6.60 -10.65 -18.95
N GLU C 192 -7.16 -11.83 -19.15
CA GLU C 192 -8.13 -12.06 -20.22
C GLU C 192 -9.55 -11.61 -19.94
N ARG C 193 -9.88 -11.33 -18.67
CA ARG C 193 -11.14 -10.68 -18.32
C ARG C 193 -11.17 -9.21 -18.64
N HIS C 194 -10.05 -8.57 -18.93
CA HIS C 194 -10.12 -7.14 -19.15
C HIS C 194 -9.62 -6.82 -20.51
N ASN C 195 -9.87 -5.60 -20.96
CA ASN C 195 -9.47 -5.19 -22.30
C ASN C 195 -8.51 -4.06 -22.39
N SER C 196 -8.68 -3.03 -21.59
CA SER C 196 -7.85 -1.85 -21.77
C SER C 196 -6.84 -1.72 -20.62
N TYR C 197 -5.59 -1.51 -20.97
CA TYR C 197 -4.53 -1.42 -19.99
C TYR C 197 -3.82 -0.10 -20.21
N THR C 198 -3.83 0.77 -19.21
CA THR C 198 -3.21 2.11 -19.35
C THR C 198 -2.15 2.33 -18.34
N CYS C 199 -1.09 2.96 -18.82
CA CYS C 199 0.01 3.40 -18.01
C CYS C 199 0.00 4.90 -18.09
N GLU C 200 -0.05 5.55 -16.94
CA GLU C 200 -0.35 6.98 -16.95
C GLU C 200 0.57 7.67 -15.98
N ALA C 201 1.45 8.52 -16.45
CA ALA C 201 2.41 9.20 -15.59
C ALA C 201 2.14 10.70 -15.47
N THR C 202 2.37 11.21 -14.28
CA THR C 202 2.30 12.60 -13.99
C THR C 202 3.68 13.10 -13.68
N HIS C 203 4.07 14.12 -14.44
CA HIS C 203 5.36 14.76 -14.35
C HIS C 203 5.20 16.28 -14.54
N LYS C 204 6.09 17.05 -13.91
CA LYS C 204 5.95 18.50 -14.00
C LYS C 204 6.11 19.03 -15.43
N THR C 205 6.71 18.24 -16.34
CA THR C 205 6.99 18.73 -17.69
C THR C 205 5.73 18.80 -18.56
N SER C 206 4.59 18.34 -18.10
CA SER C 206 3.39 18.36 -18.92
C SER C 206 2.17 18.72 -18.09
N THR C 207 1.29 19.46 -18.74
CA THR C 207 0.07 19.97 -18.13
C THR C 207 -0.87 18.73 -18.07
N SER C 208 -1.03 18.04 -19.21
CA SER C 208 -1.68 16.71 -19.29
C SER C 208 -0.83 15.54 -18.75
N PRO C 209 -1.48 14.50 -18.22
CA PRO C 209 -0.70 13.32 -17.87
C PRO C 209 -0.26 12.69 -19.16
N ILE C 210 0.84 11.97 -19.10
CA ILE C 210 1.36 11.27 -20.27
C ILE C 210 0.85 9.83 -20.19
N VAL C 211 0.18 9.37 -21.24
CA VAL C 211 -0.59 8.15 -21.22
C VAL C 211 -0.15 7.20 -22.31
N LYS C 212 0.07 5.93 -22.00
CA LYS C 212 0.09 4.89 -23.03
C LYS C 212 -0.86 3.78 -22.72
N SER C 213 -1.56 3.32 -23.76
CA SER C 213 -2.60 2.31 -23.71
C SER C 213 -2.44 1.20 -24.72
N PHE C 214 -3.16 0.12 -24.45
CA PHE C 214 -3.49 -0.82 -25.48
C PHE C 214 -4.71 -1.60 -25.06
N ASN C 215 -5.39 -2.14 -26.08
CA ASN C 215 -6.51 -3.06 -25.92
C ASN C 215 -5.96 -4.47 -26.16
N ARG C 216 -6.36 -5.40 -25.32
CA ARG C 216 -5.93 -6.76 -25.45
C ARG C 216 -6.38 -7.35 -26.76
N ASN C 217 -7.32 -6.65 -27.37
CA ASN C 217 -8.17 -7.14 -28.45
C ASN C 217 -7.58 -6.81 -29.83
N GLU C 218 -6.25 -6.63 -29.92
CA GLU C 218 -5.63 -5.96 -31.10
C GLU C 218 -4.12 -6.19 -31.17
N GLU D 1 50.76 -0.59 3.21
CA GLU D 1 49.32 -0.19 3.00
C GLU D 1 48.41 -0.76 4.10
N VAL D 2 47.81 0.14 4.88
CA VAL D 2 46.71 -0.21 5.74
C VAL D 2 45.62 -0.80 4.83
N GLN D 3 45.10 -1.97 5.23
CA GLN D 3 44.03 -2.63 4.50
C GLN D 3 43.16 -3.48 5.47
N LEU D 4 41.84 -3.40 5.27
CA LEU D 4 40.85 -4.21 6.01
C LEU D 4 40.11 -5.03 4.97
N GLU D 5 40.09 -6.34 5.17
CA GLU D 5 39.53 -7.23 4.16
C GLU D 5 38.46 -8.13 4.81
N GLU D 6 37.26 -8.05 4.24
CA GLU D 6 36.12 -8.77 4.76
C GLU D 6 35.87 -10.01 3.92
N SER D 7 35.15 -10.97 4.51
CA SER D 7 34.77 -12.18 3.80
C SER D 7 33.67 -11.94 2.73
N GLY D 8 33.51 -12.87 1.81
CA GLY D 8 32.56 -12.73 0.72
C GLY D 8 31.09 -12.75 1.13
N PRO D 9 30.19 -12.51 0.16
CA PRO D 9 28.76 -12.39 0.47
C PRO D 9 28.16 -13.68 0.96
N GLU D 10 27.09 -13.59 1.73
CA GLU D 10 26.45 -14.70 2.43
C GLU D 10 24.98 -14.80 2.09
N LEU D 11 24.55 -16.01 1.87
CA LEU D 11 23.21 -16.33 1.56
C LEU D 11 22.89 -17.43 2.53
N VAL D 12 22.00 -17.15 3.48
CA VAL D 12 21.56 -18.09 4.50
C VAL D 12 20.03 -18.06 4.66
N LYS D 13 19.51 -19.08 5.32
CA LYS D 13 18.08 -19.25 5.54
C LYS D 13 17.68 -18.60 6.82
N PRO D 14 16.41 -18.23 6.98
CA PRO D 14 15.95 -17.64 8.21
C PRO D 14 16.22 -18.54 9.42
N GLY D 15 16.52 -17.93 10.55
CA GLY D 15 16.75 -18.68 11.74
C GLY D 15 18.16 -19.17 11.83
N ALA D 16 18.87 -19.24 10.69
CA ALA D 16 20.29 -19.58 10.68
C ALA D 16 21.15 -18.47 11.33
N SER D 17 22.45 -18.71 11.37
CA SER D 17 23.38 -17.73 11.88
C SER D 17 24.56 -17.66 10.91
N VAL D 18 25.32 -16.57 10.97
CA VAL D 18 26.40 -16.30 10.03
C VAL D 18 27.61 -15.74 10.82
N LYS D 19 28.84 -16.00 10.33
CA LYS D 19 30.07 -15.43 10.88
C LYS D 19 30.82 -14.67 9.79
N ILE D 20 31.10 -13.39 10.03
CA ILE D 20 31.90 -12.60 9.09
C ILE D 20 33.17 -12.10 9.65
N SER D 21 34.18 -12.12 8.79
CA SER D 21 35.47 -11.81 9.23
C SER D 21 35.91 -10.49 8.61
N CYS D 22 36.83 -9.88 9.33
CA CYS D 22 37.46 -8.65 8.94
C CYS D 22 38.93 -8.86 9.31
N LYS D 23 39.77 -8.96 8.29
CA LYS D 23 41.20 -9.24 8.50
C LYS D 23 41.98 -7.94 8.36
N ALA D 24 42.80 -7.63 9.37
CA ALA D 24 43.60 -6.38 9.37
C ALA D 24 45.07 -6.65 8.98
N SER D 25 45.63 -5.73 8.20
CA SER D 25 47.03 -5.79 7.81
C SER D 25 47.52 -4.40 7.42
N GLY D 26 48.78 -4.12 7.76
CA GLY D 26 49.43 -2.83 7.47
C GLY D 26 49.62 -1.96 8.70
N TYR D 27 49.36 -2.48 9.87
CA TYR D 27 49.50 -1.69 11.06
C TYR D 27 49.47 -2.60 12.30
N THR D 28 49.87 -2.06 13.44
CA THR D 28 49.83 -2.80 14.70
C THR D 28 48.37 -3.01 15.12
N PHE D 29 47.93 -4.25 14.95
CA PHE D 29 46.56 -4.66 15.25
C PHE D 29 46.08 -4.24 16.65
N THR D 30 46.96 -4.27 17.63
CA THR D 30 46.45 -4.05 18.99
C THR D 30 46.36 -2.55 19.37
N ASP D 31 46.69 -1.67 18.44
CA ASP D 31 46.65 -0.23 18.73
C ASP D 31 45.29 0.37 18.41
N TYR D 32 44.56 -0.31 17.52
CA TYR D 32 43.23 0.14 17.05
C TYR D 32 42.08 -0.77 17.49
N TYR D 33 40.92 -0.15 17.68
CA TYR D 33 39.64 -0.85 17.81
C TYR D 33 39.04 -1.10 16.42
N MET D 34 38.21 -2.10 16.40
CA MET D 34 37.48 -2.43 15.25
C MET D 34 36.01 -2.24 15.53
N ASN D 35 35.35 -1.50 14.69
CA ASN D 35 33.92 -1.35 14.84
C ASN D 35 33.20 -2.06 13.74
N TRP D 36 32.03 -2.59 14.06
CA TRP D 36 31.16 -3.19 13.08
C TRP D 36 29.93 -2.31 12.88
N LEU D 37 29.54 -2.13 11.61
CA LEU D 37 28.39 -1.30 11.29
C LEU D 37 27.57 -1.91 10.22
N ARG D 38 26.34 -1.50 10.16
CA ARG D 38 25.41 -2.05 9.23
C ARG D 38 24.72 -0.98 8.41
N GLN D 39 24.52 -1.29 7.14
CA GLN D 39 23.75 -0.39 6.30
C GLN D 39 22.69 -1.12 5.54
N LYS D 40 21.44 -0.89 5.92
CA LYS D 40 20.28 -1.34 5.15
C LYS D 40 20.16 -0.48 3.89
N PRO D 41 19.58 -1.06 2.82
CA PRO D 41 19.49 -0.36 1.54
C PRO D 41 18.70 0.93 1.65
N GLY D 42 19.16 1.93 0.91
CA GLY D 42 18.59 3.26 0.99
C GLY D 42 18.53 3.83 2.39
N GLN D 43 19.28 3.25 3.33
CA GLN D 43 19.24 3.77 4.71
C GLN D 43 20.62 4.24 5.21
N GLY D 44 20.64 4.74 6.43
CA GLY D 44 21.87 5.16 7.05
C GLY D 44 22.64 3.98 7.60
N LEU D 45 23.71 4.32 8.30
CA LEU D 45 24.54 3.37 8.91
C LEU D 45 24.14 3.26 10.34
N GLU D 46 24.22 2.07 10.93
CA GLU D 46 24.05 1.86 12.35
C GLU D 46 25.26 1.14 12.92
N TRP D 47 25.58 1.46 14.15
CA TRP D 47 26.74 0.91 14.81
C TRP D 47 26.39 -0.33 15.64
N ILE D 48 27.07 -1.45 15.41
CA ILE D 48 26.76 -2.70 16.08
C ILE D 48 27.51 -2.82 17.41
N GLY D 49 28.76 -2.40 17.39
CA GLY D 49 29.67 -2.62 18.49
C GLY D 49 31.12 -2.60 18.04
N TRP D 50 32.02 -2.64 19.01
CA TRP D 50 33.46 -2.67 18.70
C TRP D 50 34.13 -3.84 19.36
N VAL D 51 35.16 -4.34 18.70
CA VAL D 51 35.98 -5.39 19.27
C VAL D 51 37.41 -4.89 19.42
N TYR D 52 37.99 -5.20 20.56
CA TYR D 52 39.31 -4.83 20.91
C TYR D 52 39.68 -5.80 22.06
N PRO D 53 40.90 -6.38 22.04
CA PRO D 53 41.25 -7.26 23.17
C PRO D 53 41.15 -6.37 24.37
N GLY D 54 40.40 -6.69 25.38
CA GLY D 54 40.31 -5.72 26.46
C GLY D 54 39.02 -5.03 26.54
N SER D 55 38.41 -4.77 25.39
CA SER D 55 37.07 -4.22 25.39
C SER D 55 36.20 -4.72 24.25
N ILE D 56 35.06 -5.32 24.57
CA ILE D 56 34.05 -5.69 23.56
C ILE D 56 32.76 -5.05 24.01
N LYS D 57 32.28 -4.08 23.25
CA LYS D 57 31.07 -3.36 23.63
C LYS D 57 30.05 -3.53 22.51
N TYR D 58 28.79 -3.68 22.85
CA TYR D 58 27.72 -3.81 21.89
C TYR D 58 26.78 -2.63 22.02
N ASN D 59 26.17 -2.24 20.91
CA ASN D 59 24.99 -1.44 20.90
C ASN D 59 23.89 -2.30 21.52
N GLU D 60 23.25 -1.71 22.53
CA GLU D 60 22.16 -2.32 23.26
C GLU D 60 21.23 -3.04 22.28
N LYS D 61 20.88 -2.37 21.21
CA LYS D 61 19.98 -2.91 20.19
C LYS D 61 20.42 -4.18 19.46
N PHE D 62 21.69 -4.51 19.48
CA PHE D 62 22.16 -5.69 18.77
C PHE D 62 22.70 -6.75 19.68
N LYS D 63 22.59 -6.51 21.00
CA LYS D 63 23.33 -7.33 21.96
C LYS D 63 22.86 -8.80 21.97
N ASP D 64 21.61 -9.09 21.58
CA ASP D 64 21.21 -10.50 21.48
C ASP D 64 21.56 -11.10 20.11
N LYS D 65 21.61 -10.24 19.09
CA LYS D 65 21.87 -10.66 17.73
C LYS D 65 23.34 -11.01 17.48
N ALA D 66 24.24 -10.19 18.01
CA ALA D 66 25.64 -10.19 17.58
C ALA D 66 26.61 -10.63 18.65
N THR D 67 27.63 -11.38 18.24
CA THR D 67 28.74 -11.66 19.12
C THR D 67 29.98 -11.36 18.36
N LEU D 68 30.83 -10.54 18.98
CA LEU D 68 32.07 -10.09 18.41
C LEU D 68 33.22 -10.81 19.10
N THR D 69 34.17 -11.24 18.30
CA THR D 69 35.35 -11.92 18.83
C THR D 69 36.56 -11.55 18.03
N ALA D 70 37.72 -11.59 18.70
CA ALA D 70 39.04 -11.24 18.10
C ALA D 70 39.96 -12.41 18.15
N ASP D 71 40.81 -12.52 17.15
CA ASP D 71 41.92 -13.42 17.19
C ASP D 71 43.15 -12.55 16.93
N THR D 72 43.69 -11.98 18.03
CA THR D 72 44.90 -11.13 17.94
C THR D 72 46.14 -11.87 17.39
N SER D 73 46.33 -13.15 17.66
CA SER D 73 47.44 -13.88 17.02
C SER D 73 47.43 -14.01 15.45
N SER D 74 46.30 -13.75 14.78
CA SER D 74 46.30 -13.57 13.28
C SER D 74 45.70 -12.23 12.83
N SER D 75 45.51 -11.33 13.81
CA SER D 75 44.93 -10.01 13.63
C SER D 75 43.70 -10.00 12.66
N ILE D 76 42.67 -10.73 13.07
CA ILE D 76 41.43 -10.83 12.34
C ILE D 76 40.31 -10.78 13.39
N VAL D 77 39.18 -10.13 13.08
CA VAL D 77 38.04 -10.09 14.00
C VAL D 77 36.82 -10.71 13.34
N TYR D 78 35.89 -11.15 14.17
CA TYR D 78 34.72 -11.82 13.70
C TYR D 78 33.47 -11.26 14.32
N MET D 79 32.44 -11.19 13.49
CA MET D 79 31.08 -10.90 13.91
C MET D 79 30.18 -12.06 13.59
N HIS D 80 29.46 -12.51 14.62
CA HIS D 80 28.52 -13.58 14.53
C HIS D 80 27.16 -12.95 14.73
N LEU D 81 26.29 -13.21 13.79
CA LEU D 81 24.89 -12.78 13.85
C LEU D 81 24.03 -14.02 13.85
N SER D 82 22.94 -14.02 14.61
CA SER D 82 22.14 -15.23 14.75
C SER D 82 20.65 -14.96 14.73
N SER D 83 19.92 -16.06 14.61
CA SER D 83 18.48 -16.06 14.42
C SER D 83 18.13 -14.96 13.43
N LEU D 84 18.62 -15.18 12.24
CA LEU D 84 18.58 -14.19 11.22
C LEU D 84 17.21 -14.22 10.56
N THR D 85 16.65 -13.04 10.36
CA THR D 85 15.52 -12.89 9.50
C THR D 85 15.90 -12.02 8.35
N SER D 86 15.01 -11.80 7.41
CA SER D 86 15.35 -10.98 6.30
C SER D 86 15.40 -9.48 6.66
N ASP D 87 14.96 -9.08 7.84
CA ASP D 87 15.22 -7.71 8.27
C ASP D 87 16.67 -7.50 8.64
N ASP D 88 17.48 -8.56 8.56
CA ASP D 88 18.92 -8.45 8.73
C ASP D 88 19.68 -8.33 7.42
N ASN D 89 18.98 -8.36 6.29
CA ASN D 89 19.55 -8.11 4.97
C ASN D 89 20.18 -6.74 4.95
N ALA D 90 21.49 -6.69 4.84
CA ALA D 90 22.20 -5.40 4.84
C ALA D 90 23.62 -5.62 4.32
N VAL D 91 24.34 -4.51 4.13
CA VAL D 91 25.77 -4.55 3.91
C VAL D 91 26.42 -4.23 5.26
N TYR D 92 27.31 -5.14 5.66
CA TYR D 92 28.03 -5.01 6.90
C TYR D 92 29.46 -4.55 6.63
N PHE D 93 29.87 -3.51 7.37
CA PHE D 93 31.20 -2.93 7.29
C PHE D 93 31.94 -3.04 8.59
N CYS D 94 33.25 -3.25 8.49
CA CYS D 94 34.18 -3.03 9.62
C CYS D 94 35.08 -1.84 9.34
N THR D 95 35.35 -1.06 10.38
CA THR D 95 36.31 0.06 10.30
C THR D 95 37.27 -0.03 11.42
N ARG D 96 38.31 0.78 11.32
CA ARG D 96 39.34 0.89 12.33
C ARG D 96 39.14 2.21 13.08
N TRP D 97 39.53 2.26 14.36
CA TRP D 97 39.17 3.37 15.19
C TRP D 97 40.04 3.59 16.42
N THR D 98 39.96 4.84 16.88
CA THR D 98 40.20 5.31 18.28
C THR D 98 39.42 6.67 18.42
N TYR D 99 38.84 7.00 19.60
CA TYR D 99 38.42 8.45 19.87
C TYR D 99 39.23 9.57 19.07
N GLY D 100 40.58 9.48 19.10
CA GLY D 100 41.44 10.45 18.42
C GLY D 100 41.63 10.34 16.92
N SER D 101 41.32 9.19 16.32
CA SER D 101 41.61 8.97 14.85
C SER D 101 40.36 8.78 13.95
N SER D 102 39.18 8.58 14.51
CA SER D 102 38.02 8.34 13.66
C SER D 102 38.11 7.14 12.69
N PHE D 103 37.05 6.91 11.91
CA PHE D 103 36.96 5.76 11.03
C PHE D 103 37.72 6.07 9.78
N ASP D 104 39.00 5.79 9.78
CA ASP D 104 39.85 6.21 8.65
C ASP D 104 39.93 5.20 7.56
N TYR D 105 39.89 3.93 7.88
CA TYR D 105 39.97 2.86 6.87
C TYR D 105 38.84 1.94 7.12
N TRP D 106 38.22 1.49 6.04
CA TRP D 106 37.05 0.64 6.05
C TRP D 106 37.27 -0.66 5.24
N GLY D 107 36.67 -1.77 5.65
CA GLY D 107 36.61 -2.92 4.79
C GLY D 107 35.69 -2.63 3.64
N GLU D 108 35.63 -3.53 2.68
CA GLU D 108 34.86 -3.30 1.44
C GLU D 108 33.36 -3.55 1.60
N GLY D 109 32.99 -4.16 2.71
CA GLY D 109 31.62 -4.45 2.98
C GLY D 109 31.33 -5.92 2.69
N THR D 110 30.55 -6.58 3.58
CA THR D 110 29.97 -7.90 3.36
C THR D 110 28.41 -7.81 3.27
N LEU D 111 27.91 -8.38 2.18
CA LEU D 111 26.52 -8.49 1.84
C LEU D 111 25.87 -9.71 2.47
N LEU D 112 24.74 -9.53 3.11
CA LEU D 112 24.03 -10.65 3.69
C LEU D 112 22.64 -10.70 3.09
N THR D 113 22.24 -11.86 2.56
CA THR D 113 20.86 -12.10 2.14
C THR D 113 20.30 -13.27 2.93
N VAL D 114 19.16 -13.06 3.60
CA VAL D 114 18.44 -14.09 4.34
C VAL D 114 17.12 -14.43 3.59
N SER D 115 17.04 -15.66 3.04
CA SER D 115 15.89 -16.14 2.30
C SER D 115 15.75 -17.66 2.34
N SER D 116 14.52 -18.14 2.25
CA SER D 116 14.23 -19.56 2.10
C SER D 116 14.16 -20.02 0.66
N ALA D 117 14.26 -19.13 -0.31
CA ALA D 117 14.14 -19.57 -1.69
C ALA D 117 15.27 -20.51 -2.09
N LYS D 118 14.96 -21.38 -3.02
CA LYS D 118 15.92 -22.28 -3.63
C LYS D 118 16.40 -21.66 -4.91
N THR D 119 17.56 -22.11 -5.39
CA THR D 119 18.12 -21.69 -6.66
C THR D 119 17.10 -21.89 -7.74
N THR D 120 16.82 -20.88 -8.57
CA THR D 120 15.70 -20.92 -9.51
C THR D 120 16.10 -20.10 -10.70
N PRO D 121 16.08 -20.72 -11.89
CA PRO D 121 16.52 -20.01 -13.07
C PRO D 121 15.48 -19.05 -13.50
N PRO D 122 15.85 -17.98 -14.18
CA PRO D 122 14.90 -16.99 -14.61
C PRO D 122 14.18 -17.39 -15.89
N SER D 123 12.97 -16.89 -16.06
CA SER D 123 12.30 -16.96 -17.31
C SER D 123 12.52 -15.64 -17.95
N VAL D 124 12.77 -15.68 -19.24
CA VAL D 124 13.10 -14.55 -20.00
C VAL D 124 12.06 -14.33 -21.09
N TYR D 125 11.37 -13.21 -21.03
CA TYR D 125 10.42 -12.87 -22.08
C TYR D 125 10.84 -11.64 -22.91
N PRO D 126 10.72 -11.71 -24.23
CA PRO D 126 10.99 -10.54 -25.05
C PRO D 126 9.85 -9.54 -25.04
N LEU D 127 10.14 -8.25 -25.11
CA LEU D 127 9.09 -7.23 -25.12
C LEU D 127 9.18 -6.49 -26.42
N ALA D 128 8.34 -6.89 -27.36
CA ALA D 128 8.26 -6.27 -28.66
C ALA D 128 7.06 -5.41 -28.58
N PRO D 129 7.07 -4.29 -29.31
CA PRO D 129 5.86 -3.47 -29.37
C PRO D 129 4.79 -4.11 -30.29
N GLY D 130 3.50 -3.89 -29.93
CA GLY D 130 2.33 -4.19 -30.78
C GLY D 130 1.88 -3.19 -31.90
N SER D 131 2.65 -2.13 -32.20
CA SER D 131 2.57 -1.31 -33.52
C SER D 131 2.32 0.27 -33.55
N ALA D 132 1.91 0.89 -32.42
CA ALA D 132 2.09 2.36 -32.17
C ALA D 132 3.57 2.90 -32.39
N ALA D 133 4.52 1.94 -32.49
CA ALA D 133 6.01 2.16 -32.64
C ALA D 133 6.53 2.20 -34.09
N GLN D 134 6.15 1.20 -34.91
CA GLN D 134 6.40 1.17 -36.40
C GLN D 134 6.68 2.57 -37.02
N THR D 135 5.72 3.49 -36.75
CA THR D 135 5.73 4.92 -37.16
C THR D 135 7.03 5.72 -36.81
N ASN D 136 7.51 5.55 -35.58
CA ASN D 136 8.54 6.44 -35.00
C ASN D 136 9.96 6.18 -35.60
N SER D 137 10.92 7.04 -35.26
CA SER D 137 12.26 6.90 -35.82
C SER D 137 13.12 6.09 -34.86
N MET D 138 12.82 6.20 -33.57
CA MET D 138 13.45 5.35 -32.57
C MET D 138 12.43 4.42 -31.95
N VAL D 139 12.82 3.17 -31.75
CA VAL D 139 11.94 2.16 -31.20
C VAL D 139 12.53 1.55 -29.93
N THR D 140 11.71 1.35 -28.93
CA THR D 140 12.16 0.79 -27.68
C THR D 140 11.78 -0.68 -27.57
N LEU D 141 12.77 -1.51 -27.28
CA LEU D 141 12.53 -2.90 -27.09
C LEU D 141 12.83 -3.23 -25.63
N GLY D 142 12.46 -4.45 -25.23
CA GLY D 142 12.62 -4.86 -23.86
C GLY D 142 12.88 -6.32 -23.62
N CYS D 143 13.33 -6.62 -22.42
CA CYS D 143 13.60 -7.96 -22.04
C CYS D 143 13.19 -8.08 -20.59
N LEU D 144 12.33 -9.01 -20.26
CA LEU D 144 11.83 -9.17 -18.88
C LEU D 144 12.37 -10.45 -18.31
N VAL D 145 13.13 -10.30 -17.24
CA VAL D 145 13.77 -11.46 -16.67
C VAL D 145 13.11 -11.72 -15.33
N LYS D 146 12.31 -12.78 -15.21
CA LYS D 146 11.60 -12.95 -13.97
C LYS D 146 11.54 -14.31 -13.28
N GLY D 147 11.26 -14.22 -12.00
CA GLY D 147 11.15 -15.36 -11.12
C GLY D 147 12.46 -16.09 -10.89
N TYR D 148 13.57 -15.39 -10.64
CA TYR D 148 14.85 -16.07 -10.35
C TYR D 148 15.37 -15.84 -8.94
N PHE D 149 16.31 -16.67 -8.53
CA PHE D 149 16.98 -16.55 -7.23
C PHE D 149 18.24 -17.40 -7.26
N PRO D 150 19.35 -16.90 -6.72
CA PRO D 150 19.60 -15.61 -6.08
C PRO D 150 20.02 -14.53 -7.10
N GLU D 151 20.22 -13.28 -6.64
CA GLU D 151 20.92 -12.29 -7.44
C GLU D 151 22.33 -12.81 -7.59
N PRO D 152 23.05 -12.41 -8.64
CA PRO D 152 22.67 -11.52 -9.70
C PRO D 152 22.41 -12.25 -11.03
N VAL D 153 21.93 -11.49 -11.98
CA VAL D 153 21.81 -11.95 -13.31
C VAL D 153 22.51 -10.89 -14.17
N THR D 154 23.00 -11.26 -15.33
CA THR D 154 23.67 -10.38 -16.22
C THR D 154 22.81 -10.27 -17.44
N VAL D 155 22.47 -9.06 -17.84
CA VAL D 155 21.76 -8.85 -19.09
C VAL D 155 22.64 -8.05 -20.02
N THR D 156 22.68 -8.40 -21.27
CA THR D 156 23.42 -7.62 -22.24
C THR D 156 22.67 -7.77 -23.51
N TRP D 157 23.07 -7.05 -24.51
CA TRP D 157 22.34 -7.05 -25.75
C TRP D 157 23.31 -7.20 -26.89
N ASN D 158 22.92 -7.94 -27.91
CA ASN D 158 23.82 -8.38 -28.96
C ASN D 158 25.20 -8.73 -28.47
N SER D 159 25.26 -9.49 -27.39
CA SER D 159 26.52 -9.93 -26.77
C SER D 159 27.47 -8.83 -26.28
N GLY D 160 26.95 -7.61 -26.03
CA GLY D 160 27.77 -6.43 -25.69
C GLY D 160 27.82 -5.34 -26.76
N SER D 161 27.78 -5.74 -28.02
CA SER D 161 27.75 -4.78 -29.16
C SER D 161 26.85 -3.59 -28.98
N LEU D 162 25.73 -3.75 -28.26
CA LEU D 162 24.77 -2.68 -28.10
C LEU D 162 24.89 -2.17 -26.67
N SER D 163 25.44 -0.99 -26.49
CA SER D 163 25.66 -0.51 -25.14
C SER D 163 25.03 0.85 -24.95
N SER D 164 24.90 1.62 -26.03
CA SER D 164 24.19 2.89 -25.85
C SER D 164 22.69 2.67 -25.97
N GLY D 165 21.95 3.54 -25.26
CA GLY D 165 20.52 3.46 -25.22
C GLY D 165 19.96 2.36 -24.32
N VAL D 166 20.81 1.66 -23.54
CA VAL D 166 20.36 0.56 -22.66
C VAL D 166 20.01 1.07 -21.28
N HIS D 167 18.89 0.64 -20.71
CA HIS D 167 18.66 0.81 -19.30
C HIS D 167 18.36 -0.51 -18.72
N THR D 168 19.10 -0.94 -17.70
CA THR D 168 18.83 -2.18 -16.97
C THR D 168 18.44 -1.84 -15.54
N PHE D 169 17.27 -2.22 -15.09
CA PHE D 169 16.76 -1.75 -13.80
C PHE D 169 17.09 -2.72 -12.70
N PRO D 170 17.22 -2.23 -11.47
CA PRO D 170 17.43 -3.11 -10.35
C PRO D 170 16.31 -4.13 -10.19
N ALA D 171 16.67 -5.33 -9.71
CA ALA D 171 15.70 -6.39 -9.43
C ALA D 171 14.88 -5.97 -8.24
N VAL D 172 13.58 -6.27 -8.27
CA VAL D 172 12.78 -6.16 -7.07
C VAL D 172 12.35 -7.58 -6.65
N LEU D 173 12.04 -7.75 -5.37
CA LEU D 173 11.58 -8.99 -4.77
C LEU D 173 10.07 -9.06 -4.75
N GLN D 174 9.51 -10.16 -5.20
CA GLN D 174 8.12 -10.44 -4.94
C GLN D 174 7.97 -11.95 -4.81
N SER D 175 7.34 -12.37 -3.71
CA SER D 175 7.12 -13.76 -3.36
C SER D 175 8.40 -14.52 -3.33
N ASP D 176 9.42 -13.88 -2.77
CA ASP D 176 10.76 -14.45 -2.55
C ASP D 176 11.62 -14.58 -3.79
N LEU D 177 11.10 -14.19 -4.96
CA LEU D 177 11.89 -14.23 -6.19
C LEU D 177 12.02 -12.85 -6.80
N TYR D 178 13.04 -12.69 -7.64
CA TYR D 178 13.37 -11.44 -8.28
C TYR D 178 12.83 -11.30 -9.67
N THR D 179 12.68 -10.06 -10.09
CA THR D 179 12.31 -9.72 -11.44
C THR D 179 13.07 -8.48 -11.78
N LEU D 180 13.44 -8.40 -13.05
CA LEU D 180 14.28 -7.34 -13.54
C LEU D 180 13.89 -7.14 -14.96
N SER D 181 14.13 -5.97 -15.49
CA SER D 181 13.85 -5.69 -16.88
C SER D 181 14.91 -4.77 -17.44
N SER D 182 15.01 -4.73 -18.76
CA SER D 182 16.05 -3.98 -19.44
C SER D 182 15.41 -3.49 -20.71
N SER D 183 15.66 -2.23 -21.05
CA SER D 183 15.18 -1.64 -22.31
C SER D 183 16.35 -1.27 -23.21
N VAL D 184 16.16 -1.36 -24.50
CA VAL D 184 17.10 -0.83 -25.42
C VAL D 184 16.31 0.01 -26.44
N THR D 185 16.87 1.14 -26.81
CA THR D 185 16.27 2.00 -27.83
C THR D 185 17.16 1.98 -29.02
N VAL D 186 16.64 1.67 -30.19
CA VAL D 186 17.47 1.62 -31.36
C VAL D 186 16.73 2.35 -32.47
N PRO D 187 17.49 2.83 -33.47
CA PRO D 187 16.81 3.46 -34.59
C PRO D 187 15.98 2.46 -35.40
N SER D 188 14.77 2.90 -35.71
CA SER D 188 13.81 2.07 -36.41
C SER D 188 14.25 1.66 -37.83
N SER D 189 15.31 2.28 -38.35
CA SER D 189 16.01 1.76 -39.54
C SER D 189 16.60 0.39 -39.31
N THR D 190 17.06 0.12 -38.08
CA THR D 190 17.84 -1.10 -37.80
C THR D 190 17.06 -2.28 -37.22
N TRP D 191 15.73 -2.15 -37.08
CA TRP D 191 14.90 -3.23 -36.51
C TRP D 191 13.52 -3.14 -37.06
N PRO D 192 12.93 -4.27 -37.47
CA PRO D 192 13.41 -5.67 -37.52
C PRO D 192 14.54 -5.95 -38.46
N SER D 193 14.79 -5.05 -39.39
CA SER D 193 15.77 -5.30 -40.43
C SER D 193 16.99 -6.03 -39.89
N GLU D 194 17.65 -5.46 -38.87
CA GLU D 194 18.76 -6.17 -38.20
C GLU D 194 18.38 -6.71 -36.82
N THR D 195 19.16 -7.68 -36.35
CA THR D 195 18.79 -8.54 -35.23
C THR D 195 19.10 -7.90 -33.89
N VAL D 196 18.13 -7.90 -33.01
CA VAL D 196 18.36 -7.43 -31.67
C VAL D 196 18.13 -8.59 -30.70
N THR D 197 19.19 -8.99 -30.01
CA THR D 197 19.09 -10.13 -29.17
C THR D 197 19.47 -9.83 -27.70
N CYS D 198 18.57 -10.17 -26.81
CA CYS D 198 18.75 -10.12 -25.38
C CYS D 198 19.48 -11.36 -24.82
N ASN D 199 20.57 -11.18 -24.07
CA ASN D 199 21.32 -12.31 -23.47
C ASN D 199 21.32 -12.27 -21.97
N VAL D 200 20.92 -13.36 -21.35
CA VAL D 200 20.73 -13.36 -19.91
C VAL D 200 21.52 -14.50 -19.34
N ALA D 201 22.41 -14.22 -18.42
CA ALA D 201 23.18 -15.26 -17.84
C ALA D 201 22.88 -15.18 -16.35
N HIS D 202 22.62 -16.32 -15.74
CA HIS D 202 22.34 -16.41 -14.32
C HIS D 202 23.27 -17.46 -13.74
N PRO D 203 24.43 -17.05 -13.23
CA PRO D 203 25.41 -18.09 -12.86
C PRO D 203 24.97 -19.01 -11.74
N ALA D 204 24.27 -18.50 -10.74
CA ALA D 204 23.85 -19.36 -9.63
C ALA D 204 23.21 -20.65 -10.16
N SER D 205 22.37 -20.58 -11.19
CA SER D 205 21.72 -21.77 -11.75
C SER D 205 22.41 -22.27 -13.01
N SER D 206 23.58 -21.70 -13.33
CA SER D 206 24.28 -22.12 -14.51
C SER D 206 23.45 -22.06 -15.80
N THR D 207 22.79 -20.93 -16.03
CA THR D 207 21.87 -20.83 -17.16
C THR D 207 22.23 -19.65 -18.06
N LYS D 208 22.19 -19.85 -19.38
CA LYS D 208 22.19 -18.69 -20.30
C LYS D 208 21.04 -18.85 -21.20
N VAL D 209 20.34 -17.75 -21.45
CA VAL D 209 19.27 -17.70 -22.40
C VAL D 209 19.60 -16.59 -23.36
N ASP D 210 19.39 -16.83 -24.66
CA ASP D 210 19.37 -15.77 -25.67
C ASP D 210 17.98 -15.73 -26.31
N LYS D 211 17.34 -14.59 -26.35
CA LYS D 211 16.08 -14.43 -27.08
C LYS D 211 16.23 -13.28 -28.08
N LYS D 212 15.89 -13.49 -29.34
CA LYS D 212 15.72 -12.38 -30.25
C LYS D 212 14.40 -11.70 -30.01
N ILE D 213 14.35 -10.38 -30.16
CA ILE D 213 13.11 -9.65 -30.08
C ILE D 213 12.59 -9.62 -31.50
N VAL D 214 11.40 -10.14 -31.71
CA VAL D 214 10.80 -10.16 -33.03
C VAL D 214 9.39 -9.57 -32.89
N PRO D 215 8.89 -8.93 -33.97
CA PRO D 215 7.59 -8.28 -34.03
C PRO D 215 6.54 -9.24 -33.61
N ARG D 216 5.34 -8.78 -33.32
CA ARG D 216 4.22 -9.70 -33.05
C ARG D 216 3.23 -9.62 -34.24
#